data_1ODZ
#
_entry.id   1ODZ
#
_cell.length_a   131.855
_cell.length_b   131.855
_cell.length_c   54.268
_cell.angle_alpha   90.00
_cell.angle_beta   90.00
_cell.angle_gamma   90.00
#
_symmetry.space_group_name_H-M   'P 41'
#
loop_
_entity.id
_entity.type
_entity.pdbx_description
1 polymer 'Mannan endo-1,4-beta-mannosidase'
2 branched beta-D-mannopyranose-(1-4)-alpha-D-mannopyranose
3 non-polymer 'ZINC ION'
4 non-polymer 2-AMINO-2-HYDROXYMETHYL-PROPANE-1,3-DIOL
5 non-polymer 'SODIUM ION'
6 water water
#
_entity_poly.entity_id   1
_entity_poly.type   'polypeptide(L)'
_entity_poly.pdbx_seq_one_letter_code
;MRADVKPVTVKLVDSQATMETRSLFAFMQEQRRHSIMFGHQHETTQGLTITRTDGTQSDTFNAVGDFAAVYGWDTLSIVA
PKAEGDIVAQVKKAYARGGIITVSSHFDNPKTDTQKGVWPVGTSWDQTPAVVDSLPGGAYNPVLNGYLDQVAEWANNLKD
EQGRLIPVIFRLYHENTGSWFWWGDKQSTPEQYKQLFRYSVEYLRDVKGVRNFLYAYSPNNFWDVTEANYLERYPGDEWV
DVLGFDTYGPVADNADWFRNVVANAALVARMAEARGKIPVISGIGIRAPDIEAGLYDNQWYRKLISGLKADPDAREIAFL
LVWRNAPQGVPGPNGTQVPHYWVPANRPENINNGTLEDFQAFYADEFTAFNRDIEQVYQRPTLIVK
;
_entity_poly.pdbx_strand_id   A,B
#
loop_
_chem_comp.id
_chem_comp.type
_chem_comp.name
_chem_comp.formula
BMA D-saccharide, beta linking beta-D-mannopyranose 'C6 H12 O6'
MAN D-saccharide, alpha linking alpha-D-mannopyranose 'C6 H12 O6'
NA non-polymer 'SODIUM ION' 'Na 1'
TRS non-polymer 2-AMINO-2-HYDROXYMETHYL-PROPANE-1,3-DIOL 'C4 H12 N O3 1'
ZN non-polymer 'ZINC ION' 'Zn 2'
#
# COMPACT_ATOMS: atom_id res chain seq x y z
N VAL A 5 -5.89 16.27 34.26
CA VAL A 5 -6.71 15.03 34.20
C VAL A 5 -6.09 13.98 35.13
N LYS A 6 -6.86 13.56 36.13
CA LYS A 6 -6.43 12.58 37.12
C LYS A 6 -6.68 11.18 36.55
N PRO A 7 -5.94 10.18 37.04
CA PRO A 7 -6.15 8.80 36.59
C PRO A 7 -7.54 8.29 36.91
N VAL A 8 -8.08 7.52 35.97
CA VAL A 8 -9.32 6.77 36.18
C VAL A 8 -9.05 5.31 35.86
N THR A 9 -9.84 4.44 36.46
CA THR A 9 -9.74 3.02 36.22
C THR A 9 -10.69 2.65 35.08
N VAL A 10 -10.20 1.86 34.15
CA VAL A 10 -10.99 1.37 33.03
C VAL A 10 -10.97 -0.15 32.96
N LYS A 11 -11.99 -0.73 32.35
CA LYS A 11 -12.04 -2.17 32.14
C LYS A 11 -12.51 -2.37 30.70
N LEU A 12 -11.56 -2.84 29.88
CA LEU A 12 -11.77 -3.03 28.45
C LEU A 12 -11.83 -4.51 28.10
N VAL A 13 -12.45 -4.79 26.98
CA VAL A 13 -12.46 -6.13 26.44
C VAL A 13 -11.05 -6.67 26.27
N ASP A 14 -10.16 -5.80 25.80
CA ASP A 14 -8.74 -6.12 25.67
C ASP A 14 -8.01 -5.59 26.88
N SER A 15 -7.67 -6.49 27.81
CA SER A 15 -7.00 -6.08 29.04
C SER A 15 -5.57 -5.62 28.76
N GLN A 16 -5.06 -5.87 27.55
CA GLN A 16 -3.73 -5.43 27.16
C GLN A 16 -3.71 -4.27 26.15
N ALA A 17 -4.84 -3.58 26.00
CA ALA A 17 -4.96 -2.48 25.05
C ALA A 17 -3.95 -1.38 25.32
N THR A 18 -3.56 -0.64 24.29
CA THR A 18 -2.56 0.41 24.44
C THR A 18 -3.10 1.53 25.33
N MET A 19 -2.19 2.37 25.81
CA MET A 19 -2.58 3.47 26.67
C MET A 19 -3.49 4.47 25.97
N GLU A 20 -3.24 4.72 24.68
CA GLU A 20 -4.08 5.62 23.92
C GLU A 20 -5.51 5.05 23.74
N THR A 21 -5.61 3.73 23.59
CA THR A 21 -6.91 3.06 23.46
C THR A 21 -7.69 3.16 24.78
N ARG A 22 -7.01 2.90 25.88
CA ARG A 22 -7.59 3.08 27.21
C ARG A 22 -8.01 4.52 27.47
N SER A 23 -7.18 5.46 27.03
CA SER A 23 -7.48 6.87 27.15
C SER A 23 -8.74 7.25 26.38
N LEU A 24 -8.90 6.70 25.18
CA LEU A 24 -10.08 7.00 24.37
C LEU A 24 -11.34 6.56 25.14
N PHE A 25 -11.29 5.39 25.75
CA PHE A 25 -12.41 4.89 26.52
C PHE A 25 -12.72 5.82 27.70
N ALA A 26 -11.67 6.22 28.44
CA ALA A 26 -11.80 7.16 29.56
C ALA A 26 -12.35 8.50 29.12
N PHE A 27 -11.86 8.98 27.98
CA PHE A 27 -12.35 10.22 27.41
C PHE A 27 -13.84 10.21 27.20
N MET A 28 -14.34 9.19 26.53
CA MET A 28 -15.75 9.11 26.24
C MET A 28 -16.57 8.93 27.51
N GLN A 29 -16.03 8.22 28.50
CA GLN A 29 -16.73 8.08 29.77
C GLN A 29 -17.02 9.43 30.41
N GLU A 30 -16.05 10.32 30.35
CA GLU A 30 -16.23 11.67 30.88
C GLU A 30 -17.09 12.54 29.94
N GLN A 31 -16.67 12.65 28.68
CA GLN A 31 -17.24 13.54 27.71
C GLN A 31 -18.72 13.31 27.54
N ARG A 32 -19.15 12.05 27.63
CA ARG A 32 -20.52 11.71 27.25
C ARG A 32 -21.59 12.35 28.11
N ARG A 33 -21.23 12.76 29.32
CA ARG A 33 -22.21 13.44 30.14
C ARG A 33 -22.11 14.97 30.04
N HIS A 34 -21.35 15.46 29.06
CA HIS A 34 -21.20 16.90 28.83
C HIS A 34 -21.54 17.33 27.39
N SER A 35 -21.65 16.35 26.47
CA SER A 35 -21.94 16.64 25.08
C SER A 35 -22.36 15.35 24.37
N ILE A 36 -22.78 15.48 23.13
CA ILE A 36 -22.90 14.37 22.19
C ILE A 36 -22.03 14.73 21.00
N MET A 37 -21.05 13.89 20.71
CA MET A 37 -20.19 14.08 19.54
C MET A 37 -20.91 13.73 18.24
N PHE A 38 -20.64 14.52 17.22
CA PHE A 38 -21.12 14.24 15.88
C PHE A 38 -20.17 13.34 15.13
N GLY A 39 -20.70 12.25 14.60
CA GLY A 39 -19.97 11.33 13.74
C GLY A 39 -20.52 11.28 12.33
N HIS A 40 -19.65 10.92 11.39
CA HIS A 40 -19.99 10.84 9.98
C HIS A 40 -19.16 9.79 9.27
N GLN A 41 -19.85 8.87 8.58
CA GLN A 41 -19.21 7.85 7.74
C GLN A 41 -18.57 8.53 6.53
N HIS A 42 -17.38 8.06 6.18
CA HIS A 42 -16.65 8.60 5.03
C HIS A 42 -16.46 10.13 5.13
N GLU A 43 -16.25 10.64 6.35
CA GLU A 43 -16.24 12.08 6.60
C GLU A 43 -15.33 12.82 5.62
N THR A 44 -14.10 12.36 5.46
CA THR A 44 -13.14 13.06 4.60
C THR A 44 -12.81 12.31 3.31
N THR A 45 -13.55 11.25 2.99
CA THR A 45 -13.32 10.46 1.78
C THR A 45 -14.48 10.49 0.78
N GLN A 46 -15.65 10.91 1.23
CA GLN A 46 -16.81 11.05 0.35
C GLN A 46 -17.57 12.33 0.66
N GLY A 47 -17.82 13.12 -0.37
CA GLY A 47 -18.66 14.30 -0.21
C GLY A 47 -19.15 14.84 -1.55
N LEU A 48 -20.27 15.54 -1.48
CA LEU A 48 -20.83 16.26 -2.61
C LEU A 48 -20.09 17.56 -2.94
N THR A 49 -19.36 18.12 -1.97
CA THR A 49 -18.70 19.43 -2.14
C THR A 49 -17.21 19.41 -1.93
N ILE A 50 -16.61 18.24 -1.81
CA ILE A 50 -15.16 18.17 -1.64
C ILE A 50 -14.49 17.97 -3.00
N THR A 51 -13.29 18.52 -3.15
CA THR A 51 -12.52 18.42 -4.39
C THR A 51 -11.34 17.46 -4.29
N ARG A 52 -11.06 17.01 -3.07
CA ARG A 52 -10.03 16.00 -2.80
C ARG A 52 -10.60 15.01 -1.80
N THR A 53 -10.28 13.74 -1.99
CA THR A 53 -10.66 12.67 -1.04
C THR A 53 -9.47 12.19 -0.22
N ASP A 54 -8.47 13.05 -0.02
CA ASP A 54 -7.22 12.72 0.63
C ASP A 54 -7.27 12.87 2.15
N GLY A 55 -8.44 13.16 2.71
CA GLY A 55 -8.56 13.26 4.14
C GLY A 55 -8.54 14.66 4.72
N THR A 56 -8.52 15.68 3.85
CA THR A 56 -8.38 17.08 4.30
C THR A 56 -9.65 17.91 4.19
N GLN A 57 -10.68 17.36 3.55
CA GLN A 57 -11.92 18.06 3.31
C GLN A 57 -13.12 17.18 3.72
N SER A 58 -14.22 17.82 4.03
CA SER A 58 -15.48 17.13 4.27
C SER A 58 -16.69 18.01 3.96
N ASP A 59 -17.82 17.40 3.68
CA ASP A 59 -19.06 18.16 3.50
C ASP A 59 -19.44 18.88 4.80
N THR A 60 -19.17 18.23 5.92
CA THR A 60 -19.41 18.81 7.22
C THR A 60 -18.64 20.10 7.40
N PHE A 61 -17.35 20.09 7.07
CA PHE A 61 -16.50 21.26 7.23
C PHE A 61 -17.01 22.40 6.35
N ASN A 62 -17.37 22.07 5.12
CA ASN A 62 -17.87 23.08 4.20
C ASN A 62 -19.23 23.66 4.63
N ALA A 63 -20.01 22.88 5.38
CA ALA A 63 -21.31 23.29 5.86
C ALA A 63 -21.24 24.14 7.13
N VAL A 64 -20.38 23.78 8.06
CA VAL A 64 -20.33 24.42 9.40
C VAL A 64 -18.95 24.89 9.88
N GLY A 65 -17.89 24.56 9.16
CA GLY A 65 -16.56 25.05 9.46
C GLY A 65 -15.76 24.21 10.44
N ASP A 66 -16.23 23.00 10.72
CA ASP A 66 -15.45 22.04 11.50
C ASP A 66 -15.78 20.65 10.98
N PHE A 67 -14.86 19.72 11.19
CA PHE A 67 -15.09 18.31 10.88
C PHE A 67 -15.93 17.66 11.96
N ALA A 68 -16.55 16.54 11.60
CA ALA A 68 -17.13 15.64 12.60
C ALA A 68 -16.04 15.28 13.59
N ALA A 69 -16.46 15.02 14.82
CA ALA A 69 -15.52 14.52 15.84
C ALA A 69 -15.22 13.03 15.68
N VAL A 70 -16.22 12.26 15.25
CA VAL A 70 -16.09 10.83 15.04
C VAL A 70 -16.14 10.54 13.54
N TYR A 71 -15.15 9.80 13.09
CA TYR A 71 -14.94 9.48 11.69
C TYR A 71 -15.20 8.01 11.50
N GLY A 72 -16.24 7.67 10.73
CA GLY A 72 -16.57 6.29 10.45
C GLY A 72 -16.03 5.82 9.11
N TRP A 73 -15.58 4.57 9.08
CA TRP A 73 -15.16 3.89 7.86
C TRP A 73 -15.54 2.41 8.05
N ASP A 74 -15.06 1.54 7.18
CA ASP A 74 -15.56 0.18 7.12
C ASP A 74 -14.49 -0.79 6.69
N THR A 75 -14.68 -2.06 7.01
CA THR A 75 -13.84 -3.12 6.49
C THR A 75 -13.88 -3.21 4.96
N LEU A 76 -14.85 -2.58 4.33
CA LEU A 76 -14.85 -2.44 2.87
C LEU A 76 -13.69 -1.64 2.37
N SER A 77 -12.95 -1.00 3.28
CA SER A 77 -11.73 -0.27 2.99
C SER A 77 -10.47 -0.97 3.46
N ILE A 78 -10.60 -2.18 4.00
CA ILE A 78 -9.51 -2.92 4.62
C ILE A 78 -9.32 -4.31 4.01
N VAL A 79 -10.43 -5.05 3.93
CA VAL A 79 -10.39 -6.43 3.45
C VAL A 79 -10.52 -6.40 1.93
N ALA A 80 -9.70 -7.19 1.25
CA ALA A 80 -9.74 -7.29 -0.20
C ALA A 80 -11.17 -7.66 -0.62
N PRO A 81 -11.70 -7.09 -1.70
CA PRO A 81 -10.99 -6.20 -2.64
C PRO A 81 -11.00 -4.70 -2.34
N LYS A 82 -11.35 -4.32 -1.12
CA LYS A 82 -11.27 -2.94 -0.67
C LYS A 82 -12.05 -2.02 -1.60
N ALA A 83 -13.29 -2.41 -1.83
CA ALA A 83 -14.19 -1.67 -2.71
C ALA A 83 -14.34 -0.21 -2.34
N GLU A 84 -14.23 0.14 -1.04
CA GLU A 84 -14.36 1.54 -0.64
C GLU A 84 -13.02 2.30 -0.57
N GLY A 85 -11.96 1.62 -0.94
CA GLY A 85 -10.63 2.21 -1.08
C GLY A 85 -9.86 2.29 0.22
N ASP A 86 -8.54 2.37 0.14
CA ASP A 86 -7.75 2.49 1.36
C ASP A 86 -8.07 3.77 2.14
N ILE A 87 -7.89 3.69 3.45
CA ILE A 87 -8.20 4.76 4.37
C ILE A 87 -7.09 5.05 5.37
N VAL A 88 -5.96 4.39 5.26
CA VAL A 88 -4.87 4.61 6.21
C VAL A 88 -4.46 6.07 6.32
N ALA A 89 -4.27 6.71 5.17
CA ALA A 89 -3.81 8.09 5.18
C ALA A 89 -4.84 9.01 5.81
N GLN A 90 -6.10 8.77 5.50
CA GLN A 90 -7.17 9.63 5.95
C GLN A 90 -7.49 9.40 7.44
N VAL A 91 -7.35 8.15 7.89
CA VAL A 91 -7.41 7.85 9.32
C VAL A 91 -6.31 8.61 10.04
N LYS A 92 -5.09 8.56 9.51
CA LYS A 92 -3.98 9.21 10.18
C LYS A 92 -4.21 10.71 10.29
N LYS A 93 -4.77 11.32 9.24
CA LYS A 93 -5.03 12.76 9.27
C LYS A 93 -6.10 13.10 10.29
N ALA A 94 -7.09 12.23 10.41
CA ALA A 94 -8.16 12.46 11.38
C ALA A 94 -7.62 12.38 12.80
N TYR A 95 -6.82 11.36 13.06
CA TYR A 95 -6.21 11.17 14.37
C TYR A 95 -5.29 12.33 14.71
N ALA A 96 -4.56 12.85 13.71
CA ALA A 96 -3.60 13.93 13.98
C ALA A 96 -4.34 15.22 14.36
N ARG A 97 -5.58 15.37 13.89
CA ARG A 97 -6.54 16.42 14.22
C ARG A 97 -7.26 16.20 15.57
N GLY A 98 -6.96 15.09 16.25
CA GLY A 98 -7.58 14.71 17.50
C GLY A 98 -8.95 14.07 17.36
N GLY A 99 -9.29 13.62 16.16
CA GLY A 99 -10.53 12.91 15.92
C GLY A 99 -10.54 11.51 16.49
N ILE A 100 -11.74 10.94 16.52
CA ILE A 100 -12.01 9.59 16.98
C ILE A 100 -12.44 8.75 15.79
N ILE A 101 -11.93 7.52 15.71
CA ILE A 101 -12.09 6.65 14.54
C ILE A 101 -12.94 5.44 14.90
N THR A 102 -13.94 5.16 14.09
CA THR A 102 -14.71 3.94 14.22
C THR A 102 -14.86 3.24 12.87
N VAL A 103 -14.82 1.92 12.89
CA VAL A 103 -14.82 1.12 11.67
C VAL A 103 -15.87 0.00 11.85
N SER A 104 -16.83 -0.02 10.92
CA SER A 104 -17.86 -1.04 10.85
C SER A 104 -17.44 -2.17 9.90
N SER A 105 -18.24 -3.22 9.83
CA SER A 105 -17.81 -4.50 9.23
C SER A 105 -18.83 -5.04 8.22
N HIS A 106 -18.88 -4.44 7.02
CA HIS A 106 -19.73 -4.99 5.96
C HIS A 106 -18.93 -6.10 5.24
N PHE A 107 -18.67 -7.19 5.96
CA PHE A 107 -17.93 -8.31 5.45
C PHE A 107 -18.73 -9.01 4.35
N ASP A 108 -18.02 -9.46 3.32
CA ASP A 108 -18.56 -10.40 2.37
C ASP A 108 -19.03 -11.67 3.08
N ASN A 109 -19.83 -12.45 2.36
CA ASN A 109 -20.44 -13.66 2.86
C ASN A 109 -19.45 -14.80 2.73
N PRO A 110 -18.93 -15.34 3.85
CA PRO A 110 -17.88 -16.36 3.72
C PRO A 110 -18.30 -17.62 2.97
N LYS A 111 -19.59 -17.91 2.94
CA LYS A 111 -20.11 -19.11 2.29
C LYS A 111 -20.28 -18.95 0.77
N THR A 112 -20.43 -17.71 0.30
CA THR A 112 -20.74 -17.47 -1.10
C THR A 112 -19.84 -16.46 -1.78
N ASP A 113 -18.76 -16.00 -1.16
CA ASP A 113 -18.02 -14.88 -1.72
C ASP A 113 -17.27 -15.16 -3.03
N THR A 114 -17.07 -16.42 -3.36
CA THR A 114 -16.48 -16.76 -4.67
C THR A 114 -17.47 -16.60 -5.81
N GLN A 115 -18.74 -16.40 -5.49
CA GLN A 115 -19.82 -16.42 -6.47
C GLN A 115 -20.24 -15.04 -6.93
N LYS A 116 -19.49 -14.00 -6.53
CA LYS A 116 -19.81 -12.61 -6.86
C LYS A 116 -19.99 -12.42 -8.37
N GLY A 117 -21.00 -11.66 -8.74
CA GLY A 117 -21.25 -11.31 -10.14
C GLY A 117 -22.49 -10.45 -10.22
N VAL A 118 -23.57 -11.03 -9.74
CA VAL A 118 -24.87 -10.39 -9.70
C VAL A 118 -25.15 -9.96 -8.25
N TRP A 119 -25.06 -8.66 -8.00
CA TRP A 119 -25.27 -8.12 -6.66
C TRP A 119 -26.64 -8.57 -6.19
N PRO A 120 -26.83 -9.01 -4.94
CA PRO A 120 -25.86 -8.95 -3.84
C PRO A 120 -25.06 -10.20 -3.55
N VAL A 121 -25.01 -11.15 -4.47
CA VAL A 121 -24.38 -12.42 -4.19
C VAL A 121 -22.96 -12.25 -3.69
N GLY A 122 -22.66 -12.94 -2.58
CA GLY A 122 -21.31 -12.91 -2.01
C GLY A 122 -20.96 -11.77 -1.09
N THR A 123 -21.84 -10.77 -0.97
CA THR A 123 -21.65 -9.57 -0.13
C THR A 123 -22.35 -9.69 1.21
N SER A 124 -22.28 -8.62 2.01
CA SER A 124 -22.99 -8.62 3.28
C SER A 124 -24.49 -8.84 3.09
N TRP A 125 -24.98 -8.35 1.94
CA TRP A 125 -26.39 -8.34 1.60
C TRP A 125 -26.89 -9.63 0.97
N ASP A 126 -25.99 -10.58 0.74
CA ASP A 126 -26.36 -11.94 0.40
C ASP A 126 -26.85 -12.62 1.68
N GLN A 127 -28.16 -12.84 1.77
CA GLN A 127 -28.81 -13.31 3.00
C GLN A 127 -28.63 -14.81 3.28
N THR A 128 -27.98 -15.53 2.38
CA THR A 128 -27.60 -16.91 2.62
C THR A 128 -26.97 -17.08 3.98
N PRO A 129 -27.58 -17.86 4.86
CA PRO A 129 -27.01 -17.98 6.22
C PRO A 129 -25.57 -18.47 6.20
N ALA A 130 -24.67 -17.75 6.88
CA ALA A 130 -23.28 -18.13 6.87
C ALA A 130 -22.67 -18.17 8.26
N VAL A 131 -23.47 -18.10 9.30
CA VAL A 131 -22.92 -18.09 10.67
C VAL A 131 -22.48 -19.50 11.09
N VAL A 132 -23.39 -20.47 11.02
CA VAL A 132 -23.08 -21.83 11.42
C VAL A 132 -21.88 -22.35 10.64
N ASP A 133 -21.82 -22.06 9.34
CA ASP A 133 -20.77 -22.64 8.51
C ASP A 133 -19.45 -21.87 8.60
N SER A 134 -19.42 -20.76 9.33
CA SER A 134 -18.19 -19.94 9.45
C SER A 134 -17.51 -20.01 10.78
N LEU A 135 -18.18 -20.58 11.78
CA LEU A 135 -17.54 -20.86 13.07
C LEU A 135 -16.57 -22.03 12.93
N PRO A 136 -15.62 -22.17 13.84
CA PRO A 136 -14.71 -23.33 13.77
C PRO A 136 -15.47 -24.67 13.67
N GLY A 137 -15.02 -25.49 12.73
CA GLY A 137 -15.66 -26.74 12.38
C GLY A 137 -16.45 -26.61 11.10
N GLY A 138 -16.94 -25.40 10.82
CA GLY A 138 -17.69 -25.07 9.62
C GLY A 138 -16.77 -24.99 8.40
N ALA A 139 -17.33 -25.33 7.25
CA ALA A 139 -16.55 -25.41 6.02
C ALA A 139 -15.93 -24.09 5.56
N TYR A 140 -16.55 -22.97 5.95
CA TYR A 140 -16.12 -21.66 5.53
C TYR A 140 -15.44 -20.85 6.62
N ASN A 141 -15.09 -21.50 7.71
CA ASN A 141 -14.28 -20.85 8.74
C ASN A 141 -12.98 -20.27 8.19
N PRO A 142 -12.24 -20.96 7.32
CA PRO A 142 -11.02 -20.33 6.77
C PRO A 142 -11.29 -19.02 6.01
N VAL A 143 -12.45 -18.89 5.37
CA VAL A 143 -12.78 -17.70 4.61
C VAL A 143 -13.01 -16.52 5.57
N LEU A 144 -13.79 -16.73 6.61
CA LEU A 144 -13.95 -15.73 7.64
C LEU A 144 -12.61 -15.36 8.24
N ASN A 145 -11.78 -16.35 8.53
CA ASN A 145 -10.47 -16.09 9.13
C ASN A 145 -9.59 -15.19 8.25
N GLY A 146 -9.68 -15.38 6.94
CA GLY A 146 -8.95 -14.53 6.03
C GLY A 146 -9.38 -13.09 6.12
N TYR A 147 -10.68 -12.83 6.29
CA TYR A 147 -11.13 -11.45 6.49
C TYR A 147 -10.52 -10.90 7.79
N LEU A 148 -10.60 -11.67 8.87
CA LEU A 148 -10.12 -11.22 10.17
C LEU A 148 -8.61 -11.02 10.16
N ASP A 149 -7.88 -11.88 9.43
CA ASP A 149 -6.43 -11.69 9.28
C ASP A 149 -6.09 -10.35 8.69
N GLN A 150 -6.88 -9.94 7.70
CA GLN A 150 -6.67 -8.67 7.06
C GLN A 150 -7.04 -7.50 7.94
N VAL A 151 -8.10 -7.63 8.74
CA VAL A 151 -8.43 -6.58 9.69
C VAL A 151 -7.30 -6.44 10.72
N ALA A 152 -6.76 -7.56 11.20
CA ALA A 152 -5.71 -7.54 12.22
C ALA A 152 -4.44 -6.92 11.66
N GLU A 153 -4.05 -7.34 10.45
CA GLU A 153 -2.82 -6.81 9.89
C GLU A 153 -2.93 -5.31 9.70
N TRP A 154 -4.09 -4.84 9.26
CA TRP A 154 -4.32 -3.42 9.12
C TRP A 154 -4.22 -2.71 10.48
N ALA A 155 -4.89 -3.23 11.50
CA ALA A 155 -4.90 -2.58 12.80
C ALA A 155 -3.47 -2.55 13.37
N ASN A 156 -2.75 -3.66 13.21
CA ASN A 156 -1.42 -3.84 13.81
C ASN A 156 -0.37 -2.95 13.17
N ASN A 157 -0.68 -2.44 11.99
CA ASN A 157 0.23 -1.51 11.31
C ASN A 157 -0.28 -0.09 11.22
N LEU A 158 -1.40 0.19 11.88
CA LEU A 158 -2.06 1.51 11.80
C LEU A 158 -1.43 2.41 12.86
N LYS A 159 -0.40 3.14 12.44
CA LYS A 159 0.44 3.87 13.37
C LYS A 159 0.53 5.33 13.02
N ASP A 160 0.66 6.15 14.04
CA ASP A 160 0.84 7.59 13.87
C ASP A 160 2.31 7.89 13.55
N GLU A 161 2.64 9.17 13.46
CA GLU A 161 3.96 9.62 13.04
C GLU A 161 5.05 9.30 14.06
N GLN A 162 4.64 8.98 15.29
CA GLN A 162 5.55 8.57 16.34
C GLN A 162 5.68 7.04 16.46
N GLY A 163 4.95 6.29 15.63
CA GLY A 163 5.04 4.84 15.63
C GLY A 163 4.11 4.17 16.63
N ARG A 164 3.18 4.94 17.18
CA ARG A 164 2.23 4.44 18.17
C ARG A 164 0.93 4.09 17.46
N LEU A 165 0.30 3.02 17.92
CA LEU A 165 -0.94 2.54 17.31
C LEU A 165 -2.09 3.52 17.48
N ILE A 166 -2.92 3.65 16.44
CA ILE A 166 -4.06 4.54 16.48
C ILE A 166 -5.29 3.75 16.97
N PRO A 167 -5.95 4.19 18.04
CA PRO A 167 -7.13 3.47 18.47
C PRO A 167 -8.27 3.53 17.49
N VAL A 168 -9.06 2.45 17.44
CA VAL A 168 -10.25 2.35 16.58
C VAL A 168 -11.39 1.70 17.38
N ILE A 169 -12.57 2.27 17.28
CA ILE A 169 -13.80 1.61 17.76
C ILE A 169 -14.30 0.69 16.65
N PHE A 170 -14.05 -0.60 16.82
CA PHE A 170 -14.36 -1.61 15.82
C PHE A 170 -15.73 -2.20 16.14
N ARG A 171 -16.66 -2.03 15.20
CA ARG A 171 -18.05 -2.41 15.37
C ARG A 171 -18.32 -3.64 14.52
N LEU A 172 -18.77 -4.71 15.15
CA LEU A 172 -18.92 -6.01 14.50
C LEU A 172 -20.37 -6.42 14.30
N TYR A 173 -20.65 -6.92 13.10
CA TYR A 173 -21.88 -7.67 12.81
C TYR A 173 -23.13 -6.91 13.25
N HIS A 174 -23.25 -5.71 12.72
CA HIS A 174 -24.28 -4.76 13.11
C HIS A 174 -25.67 -5.08 12.52
N GLU A 175 -26.69 -4.46 13.10
CA GLU A 175 -28.06 -4.58 12.57
C GLU A 175 -28.48 -6.03 12.53
N ASN A 176 -28.02 -6.78 13.50
CA ASN A 176 -28.14 -8.22 13.58
C ASN A 176 -29.52 -8.73 14.03
N THR A 177 -30.34 -7.81 14.51
CA THR A 177 -31.74 -8.16 14.84
C THR A 177 -32.69 -8.07 13.65
N GLY A 178 -32.16 -7.71 12.49
CA GLY A 178 -32.84 -7.90 11.22
C GLY A 178 -32.16 -8.95 10.39
N SER A 179 -32.66 -9.19 9.18
CA SER A 179 -32.23 -10.32 8.40
C SER A 179 -31.69 -9.92 7.03
N TRP A 180 -31.31 -8.67 6.84
CA TRP A 180 -30.70 -8.27 5.59
C TRP A 180 -29.22 -8.59 5.40
N PHE A 181 -28.55 -8.93 6.50
CA PHE A 181 -27.17 -9.39 6.46
C PHE A 181 -27.06 -10.87 6.79
N TRP A 182 -25.98 -11.50 6.32
CA TRP A 182 -25.82 -12.95 6.47
C TRP A 182 -25.64 -13.45 7.90
N TRP A 183 -25.36 -12.52 8.81
CA TRP A 183 -25.26 -12.80 10.25
C TRP A 183 -26.52 -12.41 11.04
N GLY A 184 -27.62 -12.13 10.34
CA GLY A 184 -28.82 -11.63 10.96
C GLY A 184 -29.68 -12.69 11.64
N ASP A 185 -30.90 -12.28 11.97
CA ASP A 185 -31.74 -13.08 12.87
C ASP A 185 -32.45 -14.25 12.24
N LYS A 186 -32.60 -14.26 10.93
CA LYS A 186 -33.06 -15.45 10.22
C LYS A 186 -31.92 -16.40 9.88
N GLN A 187 -30.69 -15.97 10.11
CA GLN A 187 -29.51 -16.67 9.68
C GLN A 187 -28.78 -17.34 10.83
N SER A 188 -29.23 -17.10 12.06
CA SER A 188 -28.54 -17.62 13.23
C SER A 188 -29.50 -17.65 14.42
N THR A 189 -29.32 -18.62 15.29
CA THR A 189 -29.96 -18.51 16.61
C THR A 189 -29.22 -17.44 17.39
N PRO A 190 -29.81 -16.93 18.47
CA PRO A 190 -29.08 -15.97 19.31
C PRO A 190 -27.72 -16.49 19.78
N GLU A 191 -27.65 -17.74 20.20
CA GLU A 191 -26.38 -18.32 20.63
C GLU A 191 -25.33 -18.36 19.52
N GLN A 192 -25.75 -18.73 18.31
CA GLN A 192 -24.83 -18.77 17.18
C GLN A 192 -24.29 -17.38 16.85
N TYR A 193 -25.11 -16.36 16.91
CA TYR A 193 -24.66 -14.98 16.72
C TYR A 193 -23.65 -14.59 17.79
N LYS A 194 -23.98 -14.85 19.04
CA LYS A 194 -23.07 -14.54 20.12
C LYS A 194 -21.72 -15.23 19.90
N GLN A 195 -21.74 -16.50 19.48
CA GLN A 195 -20.50 -17.22 19.23
C GLN A 195 -19.70 -16.58 18.09
N LEU A 196 -20.40 -16.14 17.04
CA LEU A 196 -19.73 -15.49 15.91
C LEU A 196 -19.00 -14.24 16.40
N PHE A 197 -19.68 -13.45 17.23
CA PHE A 197 -19.09 -12.21 17.74
C PHE A 197 -17.89 -12.50 18.65
N ARG A 198 -18.07 -13.41 19.60
CA ARG A 198 -17.02 -13.74 20.56
C ARG A 198 -15.85 -14.39 19.85
N TYR A 199 -16.14 -15.31 18.94
CA TYR A 199 -15.06 -15.96 18.17
C TYR A 199 -14.20 -14.93 17.46
N SER A 200 -14.87 -13.96 16.85
CA SER A 200 -14.19 -12.93 16.05
C SER A 200 -13.35 -12.00 16.91
N VAL A 201 -13.88 -11.56 18.04
CA VAL A 201 -13.13 -10.72 18.97
C VAL A 201 -11.92 -11.49 19.50
N GLU A 202 -12.14 -12.72 19.91
CA GLU A 202 -11.04 -13.54 20.43
C GLU A 202 -9.97 -13.75 19.35
N TYR A 203 -10.39 -14.01 18.11
CA TYR A 203 -9.44 -14.19 17.00
C TYR A 203 -8.58 -12.94 16.83
N LEU A 204 -9.20 -11.78 16.79
CA LEU A 204 -8.45 -10.55 16.60
C LEU A 204 -7.52 -10.26 17.77
N ARG A 205 -8.06 -10.37 18.98
CA ARG A 205 -7.32 -9.97 20.19
C ARG A 205 -6.24 -10.98 20.53
N ASP A 206 -6.61 -12.24 20.56
CA ASP A 206 -5.73 -13.30 21.11
C ASP A 206 -4.93 -14.00 20.02
N VAL A 207 -5.57 -14.39 18.94
CA VAL A 207 -4.83 -15.09 17.86
C VAL A 207 -3.95 -14.11 17.11
N LYS A 208 -4.47 -12.94 16.78
CA LYS A 208 -3.73 -11.98 15.96
C LYS A 208 -3.07 -10.82 16.71
N GLY A 209 -3.34 -10.68 18.00
CA GLY A 209 -2.64 -9.69 18.79
C GLY A 209 -3.05 -8.24 18.60
N VAL A 210 -4.27 -7.97 18.20
CA VAL A 210 -4.69 -6.60 18.06
C VAL A 210 -4.84 -5.94 19.44
N ARG A 211 -4.25 -4.76 19.59
CA ARG A 211 -4.16 -4.07 20.89
C ARG A 211 -4.75 -2.66 20.86
N ASN A 212 -5.28 -2.24 19.72
CA ASN A 212 -5.74 -0.88 19.51
C ASN A 212 -7.22 -0.80 19.18
N PHE A 213 -7.98 -1.82 19.55
CA PHE A 213 -9.44 -1.79 19.36
C PHE A 213 -10.25 -1.66 20.66
N LEU A 214 -11.30 -0.84 20.58
CA LEU A 214 -12.49 -0.99 21.44
C LEU A 214 -13.53 -1.72 20.60
N TYR A 215 -14.39 -2.52 21.20
CA TYR A 215 -15.36 -3.34 20.43
C TYR A 215 -16.76 -2.82 20.65
N ALA A 216 -17.49 -2.59 19.56
CA ALA A 216 -18.86 -2.07 19.64
C ALA A 216 -19.85 -3.12 19.11
N TYR A 217 -21.02 -3.16 19.75
CA TYR A 217 -22.17 -3.95 19.37
C TYR A 217 -23.31 -2.99 19.03
N SER A 218 -24.05 -3.25 17.97
CA SER A 218 -25.11 -2.37 17.60
C SER A 218 -26.21 -3.11 16.83
N PRO A 219 -27.25 -3.55 17.52
CA PRO A 219 -28.42 -4.11 16.88
C PRO A 219 -29.27 -2.96 16.32
N ASN A 220 -30.41 -3.27 15.73
CA ASN A 220 -31.34 -2.22 15.35
C ASN A 220 -32.12 -1.74 16.55
N ASN A 221 -32.77 -0.62 16.38
CA ASN A 221 -33.74 -0.14 17.36
C ASN A 221 -34.80 -1.20 17.63
N PHE A 222 -35.21 -1.29 18.87
CA PHE A 222 -36.36 -2.09 19.29
C PHE A 222 -37.58 -1.24 19.41
N TRP A 223 -38.72 -1.80 19.04
CA TRP A 223 -40.00 -1.12 19.24
C TRP A 223 -40.63 -1.50 20.59
N ASP A 224 -40.28 -2.68 21.09
CA ASP A 224 -40.56 -3.06 22.47
C ASP A 224 -39.24 -2.87 23.20
N VAL A 225 -39.08 -1.69 23.77
CA VAL A 225 -37.79 -1.22 24.27
C VAL A 225 -37.52 -1.75 25.66
N THR A 226 -36.96 -2.96 25.74
CA THR A 226 -36.62 -3.56 27.01
C THR A 226 -35.18 -4.07 27.02
N GLU A 227 -34.60 -4.06 28.22
CA GLU A 227 -33.32 -4.70 28.42
C GLU A 227 -33.30 -6.16 27.98
N ALA A 228 -34.35 -6.92 28.30
CA ALA A 228 -34.34 -8.32 27.93
C ALA A 228 -34.26 -8.47 26.41
N ASN A 229 -34.93 -7.59 25.65
CA ASN A 229 -34.87 -7.68 24.21
C ASN A 229 -33.46 -7.36 23.67
N TYR A 230 -32.83 -6.30 24.19
CA TYR A 230 -31.44 -5.98 23.84
C TYR A 230 -30.49 -7.11 24.18
N LEU A 231 -30.74 -7.79 25.30
CA LEU A 231 -29.86 -8.84 25.76
C LEU A 231 -29.94 -10.12 24.94
N GLU A 232 -31.00 -10.34 24.17
CA GLU A 232 -31.19 -11.63 23.52
C GLU A 232 -29.99 -12.04 22.66
N ARG A 233 -29.48 -11.13 21.83
CA ARG A 233 -28.30 -11.39 20.99
C ARG A 233 -27.05 -10.63 21.45
N TYR A 234 -27.12 -9.99 22.61
CA TYR A 234 -25.95 -9.29 23.18
C TYR A 234 -24.78 -10.23 23.42
N PRO A 235 -23.60 -9.95 22.86
CA PRO A 235 -22.44 -10.83 23.09
C PRO A 235 -21.98 -10.98 24.53
N GLY A 236 -22.30 -10.04 25.40
CA GLY A 236 -21.88 -10.08 26.80
C GLY A 236 -20.88 -9.02 27.18
N ASP A 237 -20.88 -8.70 28.48
CA ASP A 237 -20.02 -7.66 29.01
C ASP A 237 -18.53 -7.96 28.83
N GLU A 238 -18.15 -9.23 28.71
CA GLU A 238 -16.74 -9.57 28.48
C GLU A 238 -16.26 -9.30 27.06
N TRP A 239 -17.20 -8.98 26.16
CA TRP A 239 -16.93 -8.93 24.73
C TRP A 239 -17.24 -7.60 24.09
N VAL A 240 -17.83 -6.67 24.85
CA VAL A 240 -18.26 -5.39 24.31
C VAL A 240 -17.79 -4.24 25.20
N ASP A 241 -17.24 -3.21 24.56
CA ASP A 241 -16.89 -1.95 25.22
C ASP A 241 -17.93 -0.85 25.01
N VAL A 242 -18.57 -0.87 23.83
CA VAL A 242 -19.46 0.20 23.36
C VAL A 242 -20.82 -0.39 23.02
N LEU A 243 -21.85 0.05 23.72
CA LEU A 243 -23.24 -0.38 23.50
C LEU A 243 -23.90 0.62 22.59
N GLY A 244 -24.19 0.20 21.38
CA GLY A 244 -24.86 1.02 20.41
C GLY A 244 -26.16 0.44 19.90
N PHE A 245 -26.75 1.16 18.96
CA PHE A 245 -27.80 0.64 18.07
C PHE A 245 -27.82 1.50 16.81
N ASP A 246 -28.46 0.99 15.76
CA ASP A 246 -28.70 1.69 14.52
C ASP A 246 -30.21 1.85 14.34
N THR A 247 -30.59 2.98 13.77
CA THR A 247 -32.00 3.26 13.49
C THR A 247 -32.18 4.20 12.31
N TYR A 248 -33.04 3.76 11.39
CA TYR A 248 -33.37 4.50 10.17
C TYR A 248 -34.87 4.66 10.13
N GLY A 249 -35.32 5.90 9.95
CA GLY A 249 -36.73 6.26 10.10
C GLY A 249 -37.35 7.00 8.92
N PRO A 250 -38.62 7.30 9.06
CA PRO A 250 -39.35 7.99 7.97
C PRO A 250 -38.95 9.45 7.86
N VAL A 251 -39.01 9.95 6.63
CA VAL A 251 -38.72 11.37 6.38
C VAL A 251 -39.89 12.25 6.84
N ALA A 252 -41.10 11.69 6.86
CA ALA A 252 -42.28 12.48 7.22
C ALA A 252 -43.04 11.81 8.35
N ASP A 253 -43.81 12.62 9.07
CA ASP A 253 -44.66 12.14 10.16
C ASP A 253 -43.84 11.24 11.10
N ASN A 254 -42.72 11.77 11.58
CA ASN A 254 -41.74 10.95 12.29
C ASN A 254 -41.62 11.17 13.79
N ALA A 255 -42.61 11.79 14.42
CA ALA A 255 -42.54 12.02 15.87
C ALA A 255 -42.42 10.71 16.66
N ASP A 256 -43.18 9.70 16.27
CA ASP A 256 -43.14 8.41 16.95
C ASP A 256 -41.74 7.80 16.83
N TRP A 257 -41.17 7.89 15.64
CA TRP A 257 -39.86 7.31 15.39
C TRP A 257 -38.81 8.06 16.24
N PHE A 258 -38.94 9.37 16.36
CA PHE A 258 -38.00 10.12 17.17
C PHE A 258 -38.13 9.76 18.67
N ARG A 259 -39.35 9.55 19.16
CA ARG A 259 -39.52 9.07 20.53
C ARG A 259 -38.84 7.71 20.71
N ASN A 260 -38.90 6.87 19.68
CA ASN A 260 -38.26 5.56 19.72
C ASN A 260 -36.73 5.66 19.72
N VAL A 261 -36.18 6.64 19.02
CA VAL A 261 -34.75 6.91 19.06
C VAL A 261 -34.37 7.23 20.49
N VAL A 262 -35.11 8.14 21.11
CA VAL A 262 -34.80 8.58 22.46
C VAL A 262 -34.93 7.40 23.43
N ALA A 263 -35.95 6.56 23.27
CA ALA A 263 -36.18 5.45 24.15
C ALA A 263 -35.06 4.40 24.06
N ASN A 264 -34.61 4.08 22.85
CA ASN A 264 -33.50 3.15 22.69
C ASN A 264 -32.20 3.74 23.24
N ALA A 265 -31.97 5.02 23.01
CA ALA A 265 -30.76 5.68 23.53
C ALA A 265 -30.79 5.71 25.04
N ALA A 266 -31.95 5.92 25.63
CA ALA A 266 -32.07 5.90 27.08
C ALA A 266 -31.75 4.52 27.64
N LEU A 267 -32.26 3.49 26.98
CA LEU A 267 -32.03 2.11 27.42
C LEU A 267 -30.54 1.80 27.37
N VAL A 268 -29.87 2.06 26.25
CA VAL A 268 -28.47 1.71 26.18
C VAL A 268 -27.68 2.56 27.15
N ALA A 269 -28.11 3.80 27.40
CA ALA A 269 -27.39 4.64 28.39
C ALA A 269 -27.48 4.05 29.81
N ARG A 270 -28.66 3.60 30.20
CA ARG A 270 -28.84 3.00 31.53
C ARG A 270 -28.07 1.68 31.64
N MET A 271 -28.13 0.86 30.60
CA MET A 271 -27.37 -0.37 30.58
C MET A 271 -25.87 -0.10 30.63
N ALA A 272 -25.41 0.92 29.92
CA ALA A 272 -23.99 1.25 29.87
C ALA A 272 -23.49 1.68 31.23
N GLU A 273 -24.26 2.51 31.96
CA GLU A 273 -23.86 2.90 33.30
C GLU A 273 -23.76 1.68 34.20
N ALA A 274 -24.70 0.76 34.10
CA ALA A 274 -24.69 -0.42 34.96
C ALA A 274 -23.53 -1.37 34.65
N ARG A 275 -23.10 -1.38 33.40
CA ARG A 275 -22.17 -2.39 32.93
C ARG A 275 -20.77 -1.84 32.62
N GLY A 276 -20.54 -0.57 32.89
CA GLY A 276 -19.24 0.03 32.60
C GLY A 276 -18.92 0.19 31.12
N LYS A 277 -19.93 0.48 30.30
CA LYS A 277 -19.75 0.60 28.85
C LYS A 277 -19.96 2.03 28.39
N ILE A 278 -19.64 2.29 27.13
CA ILE A 278 -19.97 3.57 26.49
C ILE A 278 -21.21 3.39 25.63
N PRO A 279 -22.29 4.11 25.92
CA PRO A 279 -23.48 4.06 25.06
C PRO A 279 -23.35 5.04 23.90
N VAL A 280 -23.76 4.61 22.70
CA VAL A 280 -23.73 5.46 21.51
C VAL A 280 -24.92 5.15 20.60
N ILE A 281 -25.17 6.03 19.63
CA ILE A 281 -26.01 5.73 18.48
C ILE A 281 -25.01 5.52 17.32
N SER A 282 -24.82 4.29 16.90
CA SER A 282 -23.74 4.01 15.94
C SER A 282 -24.11 4.29 14.47
N GLY A 283 -25.39 4.42 14.19
CA GLY A 283 -25.85 4.72 12.85
C GLY A 283 -27.27 5.14 12.86
N ILE A 284 -27.53 6.36 12.41
CA ILE A 284 -28.89 6.92 12.45
C ILE A 284 -29.08 7.78 11.23
N GLY A 285 -30.31 7.75 10.71
CA GLY A 285 -30.62 8.58 9.56
C GLY A 285 -32.07 8.43 9.13
N ILE A 286 -32.47 9.36 8.28
CA ILE A 286 -33.65 9.13 7.47
C ILE A 286 -33.31 7.93 6.62
N ARG A 287 -34.29 7.06 6.41
CA ARG A 287 -34.10 5.86 5.60
C ARG A 287 -33.65 6.22 4.19
N ALA A 288 -32.70 5.45 3.67
CA ALA A 288 -32.15 5.74 2.34
C ALA A 288 -33.19 5.85 1.23
N PRO A 289 -34.23 5.01 1.19
CA PRO A 289 -35.23 5.17 0.11
C PRO A 289 -35.87 6.54 0.08
N ASP A 290 -36.13 7.15 1.23
CA ASP A 290 -36.71 8.49 1.23
C ASP A 290 -35.77 9.56 0.68
N ILE A 291 -34.51 9.52 1.10
CA ILE A 291 -33.52 10.44 0.53
C ILE A 291 -33.33 10.22 -0.98
N GLU A 292 -33.35 8.97 -1.41
CA GLU A 292 -33.13 8.61 -2.82
C GLU A 292 -34.30 9.08 -3.68
N ALA A 293 -35.46 9.25 -3.05
CA ALA A 293 -36.66 9.77 -3.73
C ALA A 293 -36.68 11.31 -3.77
N GLY A 294 -35.63 11.93 -3.25
CA GLY A 294 -35.48 13.36 -3.29
C GLY A 294 -36.17 14.07 -2.14
N LEU A 295 -36.64 13.29 -1.17
CA LEU A 295 -37.35 13.86 -0.02
C LEU A 295 -36.41 14.38 1.08
N TYR A 296 -36.94 15.21 1.96
CA TYR A 296 -36.15 15.84 3.02
C TYR A 296 -37.03 16.19 4.22
N ASP A 297 -36.39 16.26 5.39
CA ASP A 297 -36.99 16.80 6.60
C ASP A 297 -36.07 17.90 7.12
N ASN A 298 -36.47 19.16 6.95
CA ASN A 298 -35.59 20.27 7.28
C ASN A 298 -35.62 20.67 8.76
N GLN A 299 -36.21 19.82 9.59
CA GLN A 299 -36.13 19.96 11.05
C GLN A 299 -35.44 18.75 11.70
N TRP A 300 -34.89 17.85 10.91
CA TRP A 300 -34.50 16.53 11.40
C TRP A 300 -33.41 16.62 12.46
N TYR A 301 -32.33 17.33 12.16
CA TYR A 301 -31.23 17.46 13.11
C TYR A 301 -31.64 18.23 14.37
N ARG A 302 -32.47 19.26 14.22
CA ARG A 302 -32.96 19.97 15.40
C ARG A 302 -33.84 19.10 16.29
N LYS A 303 -34.69 18.25 15.71
CA LYS A 303 -35.50 17.31 16.49
C LYS A 303 -34.61 16.29 17.19
N LEU A 304 -33.57 15.86 16.48
CA LEU A 304 -32.66 14.84 17.01
C LEU A 304 -31.94 15.34 18.27
N ILE A 305 -31.24 16.46 18.19
CA ILE A 305 -30.51 16.95 19.35
C ILE A 305 -31.45 17.39 20.47
N SER A 306 -32.58 18.00 20.12
CA SER A 306 -33.44 18.46 21.19
C SER A 306 -34.08 17.28 21.95
N GLY A 307 -34.50 16.24 21.24
CA GLY A 307 -35.07 15.07 21.88
C GLY A 307 -34.06 14.33 22.72
N LEU A 308 -32.86 14.15 22.18
CA LEU A 308 -31.84 13.42 22.94
C LEU A 308 -31.44 14.15 24.21
N LYS A 309 -31.14 15.43 24.10
CA LYS A 309 -30.53 16.12 25.24
C LYS A 309 -31.50 16.44 26.36
N ALA A 310 -32.79 16.49 26.03
CA ALA A 310 -33.80 16.72 27.05
C ALA A 310 -34.00 15.50 27.95
N ASP A 311 -33.69 14.31 27.42
CA ASP A 311 -33.89 13.05 28.13
C ASP A 311 -32.69 12.77 29.03
N PRO A 312 -32.89 12.52 30.32
CA PRO A 312 -31.75 12.39 31.24
C PRO A 312 -30.85 11.18 30.99
N ASP A 313 -31.38 10.15 30.34
CA ASP A 313 -30.59 8.98 29.97
C ASP A 313 -30.02 9.09 28.58
N ALA A 314 -30.88 9.40 27.60
CA ALA A 314 -30.43 9.47 26.22
C ALA A 314 -29.31 10.49 25.98
N ARG A 315 -29.32 11.59 26.73
CA ARG A 315 -28.31 12.63 26.59
C ARG A 315 -26.91 12.13 26.89
N GLU A 316 -26.84 11.01 27.61
CA GLU A 316 -25.57 10.45 28.04
C GLU A 316 -24.85 9.60 26.99
N ILE A 317 -25.38 9.52 25.79
CA ILE A 317 -24.65 8.86 24.69
C ILE A 317 -23.40 9.64 24.38
N ALA A 318 -22.34 8.96 23.95
CA ALA A 318 -21.08 9.65 23.66
C ALA A 318 -21.15 10.31 22.29
N PHE A 319 -21.77 9.63 21.34
CA PHE A 319 -21.85 10.14 19.97
C PHE A 319 -23.03 9.55 19.22
N LEU A 320 -23.39 10.22 18.12
CA LEU A 320 -24.31 9.68 17.13
C LEU A 320 -23.64 9.82 15.76
N LEU A 321 -23.82 8.82 14.88
CA LEU A 321 -23.13 8.86 13.59
C LEU A 321 -24.15 8.71 12.47
N VAL A 322 -24.01 9.57 11.46
CA VAL A 322 -24.81 9.49 10.23
C VAL A 322 -23.96 9.01 9.06
N TRP A 323 -24.62 8.49 8.02
CA TRP A 323 -23.95 7.73 6.98
C TRP A 323 -23.37 8.63 5.87
N ARG A 324 -22.76 7.99 4.90
CA ARG A 324 -21.89 8.63 3.92
C ARG A 324 -22.63 9.58 2.98
N ASN A 325 -21.90 10.58 2.53
CA ASN A 325 -22.35 11.51 1.51
C ASN A 325 -21.77 11.09 0.14
N ALA A 326 -22.49 10.22 -0.57
CA ALA A 326 -22.04 9.66 -1.85
C ALA A 326 -21.93 10.82 -2.86
N PRO A 327 -20.76 10.99 -3.48
CA PRO A 327 -20.54 12.15 -4.37
C PRO A 327 -21.44 12.15 -5.59
N GLN A 328 -21.80 10.98 -6.09
CA GLN A 328 -22.69 10.85 -7.25
C GLN A 328 -23.93 10.03 -6.93
N GLY A 329 -24.33 10.02 -5.66
CA GLY A 329 -25.47 9.24 -5.25
C GLY A 329 -25.25 7.75 -5.45
N VAL A 330 -26.35 7.02 -5.68
CA VAL A 330 -26.32 5.60 -6.03
C VAL A 330 -27.15 5.40 -7.30
N PRO A 331 -26.94 4.31 -8.02
CA PRO A 331 -27.72 4.06 -9.24
C PRO A 331 -29.22 4.01 -8.97
N GLY A 332 -30.00 4.76 -9.75
CA GLY A 332 -31.46 4.70 -9.69
C GLY A 332 -31.99 3.93 -10.88
N GLY A 335 -28.97 3.83 -16.29
CA GLY A 335 -30.00 4.78 -15.90
C GLY A 335 -29.45 6.00 -15.18
N THR A 336 -30.26 6.55 -14.29
CA THR A 336 -29.94 7.77 -13.56
C THR A 336 -29.10 7.48 -12.30
N GLN A 337 -28.75 8.54 -11.60
CA GLN A 337 -28.23 8.46 -10.23
C GLN A 337 -29.26 9.13 -9.32
N VAL A 338 -29.43 8.61 -8.11
CA VAL A 338 -30.30 9.25 -7.13
C VAL A 338 -29.52 9.56 -5.85
N PRO A 339 -29.94 10.59 -5.12
CA PRO A 339 -29.15 11.08 -3.98
C PRO A 339 -29.07 10.06 -2.85
N HIS A 340 -27.91 10.02 -2.21
CA HIS A 340 -27.64 9.09 -1.11
C HIS A 340 -26.63 9.76 -0.20
N TYR A 341 -27.12 10.60 0.72
CA TYR A 341 -26.27 11.38 1.61
C TYR A 341 -27.06 11.84 2.81
N TRP A 342 -26.35 12.11 3.90
CA TRP A 342 -27.00 12.45 5.19
C TRP A 342 -26.60 13.78 5.81
N VAL A 343 -25.40 14.28 5.56
CA VAL A 343 -25.01 15.61 6.02
C VAL A 343 -25.43 16.65 4.97
N PRO A 344 -26.29 17.59 5.33
CA PRO A 344 -26.69 18.63 4.37
C PRO A 344 -25.48 19.40 3.84
N ALA A 345 -25.41 19.53 2.51
CA ALA A 345 -24.24 20.13 1.89
C ALA A 345 -24.44 21.62 1.67
N ASN A 346 -23.33 22.35 1.66
CA ASN A 346 -23.35 23.77 1.36
C ASN A 346 -23.44 23.98 -0.15
N ARG A 347 -24.66 23.93 -0.63
CA ARG A 347 -24.92 24.03 -2.06
C ARG A 347 -26.38 24.43 -2.24
N PRO A 348 -26.76 24.93 -3.41
CA PRO A 348 -28.13 25.41 -3.59
C PRO A 348 -29.27 24.48 -3.13
N GLU A 349 -29.20 23.17 -3.40
CA GLU A 349 -30.32 22.31 -3.04
C GLU A 349 -30.61 22.36 -1.53
N ASN A 350 -29.58 22.30 -0.71
CA ASN A 350 -29.76 22.24 0.74
C ASN A 350 -29.95 23.61 1.36
N ILE A 351 -29.46 24.66 0.71
CA ILE A 351 -29.80 26.03 1.10
C ILE A 351 -31.31 26.23 0.89
N ASN A 352 -31.79 25.87 -0.30
CA ASN A 352 -33.16 26.16 -0.67
C ASN A 352 -34.18 25.33 0.09
N ASN A 353 -33.84 24.08 0.43
CA ASN A 353 -34.81 23.22 1.10
C ASN A 353 -34.76 23.29 2.64
N GLY A 354 -33.90 24.14 3.17
CA GLY A 354 -33.85 24.40 4.60
C GLY A 354 -33.00 23.41 5.41
N THR A 355 -32.45 22.39 4.78
CA THR A 355 -31.67 21.37 5.52
C THR A 355 -30.31 21.86 5.97
N LEU A 356 -29.66 22.69 5.17
CA LEU A 356 -28.37 23.25 5.58
C LEU A 356 -28.52 24.06 6.88
N GLU A 357 -29.58 24.88 6.94
CA GLU A 357 -29.91 25.68 8.12
C GLU A 357 -30.15 24.81 9.36
N ASP A 358 -30.89 23.72 9.15
CA ASP A 358 -31.12 22.71 10.18
C ASP A 358 -29.81 22.17 10.76
N PHE A 359 -28.91 21.73 9.88
CA PHE A 359 -27.64 21.18 10.31
C PHE A 359 -26.75 22.22 10.97
N GLN A 360 -26.82 23.46 10.50
CA GLN A 360 -26.02 24.52 11.11
C GLN A 360 -26.53 24.84 12.52
N ALA A 361 -27.83 24.70 12.73
CA ALA A 361 -28.41 24.89 14.06
C ALA A 361 -27.98 23.77 15.02
N PHE A 362 -27.95 22.54 14.50
CA PHE A 362 -27.45 21.38 15.23
C PHE A 362 -25.99 21.64 15.66
N TYR A 363 -25.18 22.16 14.74
CA TYR A 363 -23.78 22.47 15.04
C TYR A 363 -23.68 23.53 16.15
N ALA A 364 -24.52 24.56 16.05
CA ALA A 364 -24.48 25.67 16.98
C ALA A 364 -24.98 25.29 18.37
N ASP A 365 -25.73 24.19 18.47
CA ASP A 365 -26.28 23.77 19.74
C ASP A 365 -25.13 23.49 20.73
N GLU A 366 -25.29 23.97 21.96
CA GLU A 366 -24.25 23.85 23.00
C GLU A 366 -23.85 22.41 23.30
N PHE A 367 -24.76 21.47 23.10
CA PHE A 367 -24.51 20.09 23.53
C PHE A 367 -23.88 19.23 22.44
N THR A 368 -23.80 19.69 21.20
CA THR A 368 -23.10 18.91 20.19
C THR A 368 -21.63 19.28 20.18
N ALA A 369 -20.79 18.27 19.94
CA ALA A 369 -19.35 18.43 19.87
C ALA A 369 -18.82 17.95 18.53
N PHE A 370 -18.13 18.85 17.83
CA PHE A 370 -17.43 18.57 16.60
C PHE A 370 -15.94 18.50 16.92
N ASN A 371 -15.10 18.30 15.91
CA ASN A 371 -13.70 17.94 16.18
C ASN A 371 -12.91 18.94 17.06
N ARG A 372 -13.10 20.24 16.87
CA ARG A 372 -12.37 21.22 17.68
C ARG A 372 -12.91 21.31 19.09
N ASP A 373 -14.09 20.75 19.33
CA ASP A 373 -14.72 20.77 20.64
C ASP A 373 -14.24 19.68 21.58
N ILE A 374 -13.50 18.70 21.07
CA ILE A 374 -12.94 17.65 21.91
C ILE A 374 -11.44 17.81 22.04
N GLU A 375 -10.96 17.61 23.26
CA GLU A 375 -9.56 17.75 23.58
C GLU A 375 -9.14 16.72 24.61
N GLN A 376 -7.83 16.52 24.69
CA GLN A 376 -7.23 15.63 25.68
C GLN A 376 -7.88 14.27 25.59
N VAL A 377 -7.95 13.72 24.37
CA VAL A 377 -8.66 12.45 24.15
C VAL A 377 -7.77 11.24 24.45
N TYR A 378 -6.50 11.32 24.06
CA TYR A 378 -5.64 10.14 23.97
C TYR A 378 -4.48 10.04 24.98
N GLN A 379 -4.25 11.09 25.77
CA GLN A 379 -3.15 11.09 26.75
C GLN A 379 -3.63 11.15 28.19
N ARG A 380 -4.85 10.67 28.42
CA ARG A 380 -5.43 10.66 29.76
C ARG A 380 -4.86 9.45 30.51
N PRO A 381 -4.37 9.63 31.73
CA PRO A 381 -3.84 8.48 32.49
C PRO A 381 -4.94 7.53 32.90
N THR A 382 -4.67 6.24 32.79
CA THR A 382 -5.62 5.23 33.22
C THR A 382 -4.93 4.16 34.03
N LEU A 383 -5.74 3.47 34.83
CA LEU A 383 -5.37 2.28 35.55
C LEU A 383 -6.28 1.13 35.14
N ILE A 384 -5.76 -0.08 35.25
CA ILE A 384 -6.56 -1.30 35.10
C ILE A 384 -6.34 -2.15 36.34
N VAL A 385 -7.32 -3.00 36.64
CA VAL A 385 -7.21 -3.96 37.74
C VAL A 385 -6.47 -5.19 37.22
N VAL B 5 44.35 5.10 -26.30
CA VAL B 5 42.89 5.15 -26.61
C VAL B 5 42.58 6.40 -27.42
N LYS B 6 42.19 6.21 -28.67
CA LYS B 6 41.88 7.31 -29.57
C LYS B 6 40.44 7.79 -29.36
N PRO B 7 40.16 9.06 -29.70
CA PRO B 7 38.82 9.61 -29.55
C PRO B 7 37.76 8.86 -30.33
N VAL B 8 36.59 8.67 -29.74
CA VAL B 8 35.43 8.17 -30.46
C VAL B 8 34.26 9.14 -30.30
N THR B 9 33.34 9.12 -31.25
CA THR B 9 32.16 9.95 -31.20
C THR B 9 31.06 9.18 -30.50
N VAL B 10 30.38 9.84 -29.57
CA VAL B 10 29.26 9.24 -28.85
C VAL B 10 28.03 10.11 -28.98
N LYS B 11 26.86 9.48 -28.88
CA LYS B 11 25.60 10.19 -28.86
C LYS B 11 24.77 9.66 -27.70
N LEU B 12 24.66 10.50 -26.68
CA LEU B 12 23.94 10.17 -25.46
C LEU B 12 22.60 10.88 -25.38
N VAL B 13 21.71 10.31 -24.57
CA VAL B 13 20.45 10.98 -24.24
C VAL B 13 20.69 12.41 -23.68
N ASP B 14 21.69 12.53 -22.83
CA ASP B 14 22.09 13.83 -22.30
C ASP B 14 23.27 14.34 -23.11
N SER B 15 23.00 15.30 -24.01
CA SER B 15 24.03 15.89 -24.87
C SER B 15 25.03 16.72 -24.08
N GLN B 16 24.76 16.98 -22.80
CA GLN B 16 25.65 17.74 -21.94
C GLN B 16 26.29 16.89 -20.84
N ALA B 17 26.22 15.57 -20.97
CA ALA B 17 26.75 14.66 -19.95
C ALA B 17 28.22 14.92 -19.71
N THR B 18 28.69 14.55 -18.53
CA THR B 18 30.11 14.77 -18.19
C THR B 18 31.03 13.90 -19.04
N MET B 19 32.31 14.27 -19.04
CA MET B 19 33.25 13.50 -19.84
C MET B 19 33.41 12.07 -19.33
N GLU B 20 33.35 11.86 -18.02
CA GLU B 20 33.44 10.51 -17.48
C GLU B 20 32.21 9.65 -17.87
N THR B 21 31.05 10.30 -17.94
CA THR B 21 29.82 9.63 -18.33
C THR B 21 29.89 9.22 -19.82
N ARG B 22 30.36 10.14 -20.65
CA ARG B 22 30.64 9.84 -22.04
C ARG B 22 31.67 8.72 -22.21
N SER B 23 32.74 8.77 -21.42
CA SER B 23 33.77 7.73 -21.46
C SER B 23 33.20 6.37 -21.08
N LEU B 24 32.32 6.34 -20.09
CA LEU B 24 31.70 5.06 -19.70
C LEU B 24 30.95 4.46 -20.89
N PHE B 25 30.18 5.30 -21.60
CA PHE B 25 29.44 4.84 -22.79
C PHE B 25 30.44 4.29 -23.82
N ALA B 26 31.48 5.06 -24.12
CA ALA B 26 32.51 4.65 -25.07
C ALA B 26 33.21 3.34 -24.65
N PHE B 27 33.49 3.22 -23.37
CA PHE B 27 34.09 2.02 -22.81
C PHE B 27 33.27 0.80 -23.09
N MET B 28 31.98 0.85 -22.75
CA MET B 28 31.10 -0.31 -22.99
C MET B 28 30.95 -0.62 -24.47
N GLN B 29 30.95 0.43 -25.30
CA GLN B 29 30.84 0.20 -26.75
C GLN B 29 31.98 -0.66 -27.27
N GLU B 30 33.18 -0.45 -26.77
CA GLU B 30 34.34 -1.25 -27.16
C GLU B 30 34.38 -2.59 -26.46
N GLN B 31 34.35 -2.55 -25.12
CA GLN B 31 34.46 -3.75 -24.28
C GLN B 31 33.44 -4.83 -24.65
N ARG B 32 32.23 -4.44 -25.05
CA ARG B 32 31.15 -5.42 -25.20
C ARG B 32 31.40 -6.44 -26.29
N ARG B 33 32.28 -6.15 -27.24
CA ARG B 33 32.62 -7.15 -28.24
C ARG B 33 33.86 -7.96 -27.89
N HIS B 34 34.36 -7.81 -26.67
CA HIS B 34 35.53 -8.57 -26.21
C HIS B 34 35.31 -9.37 -24.91
N SER B 35 34.20 -9.10 -24.23
CA SER B 35 33.86 -9.78 -22.99
C SER B 35 32.39 -9.51 -22.65
N ILE B 36 31.95 -10.15 -21.58
CA ILE B 36 30.71 -9.82 -20.93
C ILE B 36 31.06 -9.58 -19.47
N MET B 37 30.77 -8.38 -18.99
CA MET B 37 31.00 -8.04 -17.59
C MET B 37 29.99 -8.70 -16.69
N PHE B 38 30.45 -9.11 -15.51
CA PHE B 38 29.56 -9.65 -14.47
C PHE B 38 29.07 -8.54 -13.57
N GLY B 39 27.77 -8.46 -13.42
CA GLY B 39 27.11 -7.52 -12.52
C GLY B 39 26.39 -8.22 -11.37
N HIS B 40 26.27 -7.52 -10.24
CA HIS B 40 25.59 -8.07 -9.07
C HIS B 40 24.95 -6.93 -8.28
N GLN B 41 23.66 -7.09 -8.01
CA GLN B 41 22.92 -6.20 -7.15
C GLN B 41 23.41 -6.30 -5.69
N HIS B 42 23.50 -5.14 -5.04
CA HIS B 42 23.97 -5.05 -3.66
C HIS B 42 25.31 -5.78 -3.46
N GLU B 43 26.20 -5.64 -4.45
CA GLU B 43 27.45 -6.39 -4.45
C GLU B 43 28.21 -6.30 -3.15
N THR B 44 28.43 -5.10 -2.64
CA THR B 44 29.21 -4.90 -1.42
C THR B 44 28.36 -4.47 -0.24
N THR B 45 27.04 -4.53 -0.36
CA THR B 45 26.15 -4.16 0.76
C THR B 45 25.30 -5.29 1.32
N GLN B 46 25.20 -6.40 0.61
CA GLN B 46 24.49 -7.58 1.10
C GLN B 46 25.25 -8.84 0.70
N GLY B 47 25.46 -9.73 1.65
CA GLY B 47 26.03 -11.02 1.36
C GLY B 47 25.84 -11.99 2.51
N LEU B 48 25.91 -13.26 2.17
CA LEU B 48 25.85 -14.34 3.14
C LEU B 48 27.17 -14.56 3.87
N THR B 49 28.26 -14.08 3.30
CA THR B 49 29.61 -14.33 3.81
C THR B 49 30.39 -13.07 4.15
N ILE B 50 29.75 -11.90 4.08
CA ILE B 50 30.45 -10.66 4.39
C ILE B 50 30.21 -10.26 5.85
N THR B 51 31.21 -9.64 6.46
CA THR B 51 31.19 -9.21 7.86
C THR B 51 31.09 -7.70 8.00
N ARG B 52 31.23 -6.98 6.88
CA ARG B 52 30.98 -5.56 6.84
C ARG B 52 30.14 -5.27 5.59
N THR B 53 29.25 -4.29 5.69
CA THR B 53 28.43 -3.83 4.55
C THR B 53 28.82 -2.41 4.14
N ASP B 54 30.06 -2.05 4.44
CA ASP B 54 30.61 -0.73 4.21
C ASP B 54 31.18 -0.53 2.80
N GLY B 55 30.99 -1.52 1.93
CA GLY B 55 31.48 -1.41 0.54
C GLY B 55 32.84 -2.03 0.21
N THR B 56 33.40 -2.76 1.16
CA THR B 56 34.74 -3.33 1.04
C THR B 56 34.75 -4.84 0.82
N GLN B 57 33.62 -5.51 0.99
CA GLN B 57 33.47 -6.95 0.84
C GLN B 57 32.33 -7.36 -0.06
N SER B 58 32.42 -8.55 -0.64
CA SER B 58 31.29 -9.15 -1.36
C SER B 58 31.34 -10.66 -1.38
N ASP B 59 30.19 -11.29 -1.55
CA ASP B 59 30.12 -12.73 -1.71
C ASP B 59 30.90 -13.13 -2.95
N THR B 60 30.87 -12.29 -3.99
CA THR B 60 31.54 -12.61 -5.23
C THR B 60 33.03 -12.69 -4.94
N PHE B 61 33.55 -11.72 -4.21
CA PHE B 61 34.97 -11.66 -3.91
C PHE B 61 35.38 -12.89 -3.08
N ASN B 62 34.54 -13.28 -2.13
CA ASN B 62 34.85 -14.42 -1.28
C ASN B 62 34.75 -15.75 -2.04
N ALA B 63 33.99 -15.77 -3.14
CA ALA B 63 33.86 -16.94 -4.00
C ALA B 63 34.97 -17.08 -5.05
N VAL B 64 35.42 -15.97 -5.64
CA VAL B 64 36.33 -16.04 -6.80
C VAL B 64 37.54 -15.11 -6.73
N GLY B 65 37.59 -14.24 -5.73
CA GLY B 65 38.75 -13.41 -5.48
C GLY B 65 38.77 -12.09 -6.21
N ASP B 66 37.64 -11.73 -6.83
CA ASP B 66 37.44 -10.40 -7.38
C ASP B 66 35.98 -9.99 -7.19
N PHE B 67 35.74 -8.69 -7.21
CA PHE B 67 34.40 -8.12 -7.23
C PHE B 67 33.77 -8.23 -8.60
N ALA B 68 32.45 -8.17 -8.63
CA ALA B 68 31.73 -7.90 -9.88
C ALA B 68 32.30 -6.61 -10.51
N ALA B 69 32.27 -6.55 -11.84
CA ALA B 69 32.60 -5.32 -12.57
C ALA B 69 31.49 -4.26 -12.48
N VAL B 70 30.26 -4.73 -12.44
CA VAL B 70 29.10 -3.85 -12.45
C VAL B 70 28.36 -4.05 -11.13
N TYR B 71 28.09 -2.92 -10.47
CA TYR B 71 27.57 -2.85 -9.11
C TYR B 71 26.16 -2.28 -9.21
N GLY B 72 25.16 -3.09 -8.91
CA GLY B 72 23.79 -2.64 -8.97
C GLY B 72 23.21 -2.21 -7.60
N TRP B 73 22.49 -1.11 -7.63
CA TRP B 73 21.72 -0.61 -6.49
C TRP B 73 20.42 -0.04 -6.97
N ASP B 74 19.69 0.64 -6.09
CA ASP B 74 18.28 0.96 -6.38
C ASP B 74 17.88 2.26 -5.76
N THR B 75 16.86 2.87 -6.31
CA THR B 75 16.25 4.05 -5.72
C THR B 75 15.68 3.80 -4.32
N LEU B 76 15.52 2.53 -3.95
CA LEU B 76 15.20 2.17 -2.56
C LEU B 76 16.33 2.56 -1.59
N SER B 77 17.51 2.92 -2.11
CA SER B 77 18.64 3.43 -1.32
C SER B 77 18.83 4.94 -1.44
N ILE B 78 17.91 5.60 -2.13
CA ILE B 78 18.04 7.01 -2.48
C ILE B 78 16.84 7.85 -2.08
N VAL B 79 15.67 7.39 -2.45
CA VAL B 79 14.41 8.07 -2.20
C VAL B 79 13.82 7.65 -0.83
N ALA B 80 13.40 8.62 -0.05
CA ALA B 80 12.87 8.37 1.28
C ALA B 80 11.73 7.38 1.15
N PRO B 81 11.61 6.40 2.04
CA PRO B 81 12.38 6.25 3.29
C PRO B 81 13.68 5.45 3.21
N LYS B 82 14.21 5.25 2.02
CA LYS B 82 15.48 4.57 1.85
C LYS B 82 15.52 3.21 2.58
N ALA B 83 14.52 2.38 2.32
CA ALA B 83 14.42 1.05 2.93
C ALA B 83 15.69 0.20 2.77
N GLU B 84 16.45 0.40 1.70
CA GLU B 84 17.65 -0.41 1.45
C GLU B 84 18.95 0.26 1.91
N GLY B 85 18.84 1.42 2.53
CA GLY B 85 19.96 2.10 3.20
C GLY B 85 20.73 2.98 2.25
N ASP B 86 21.41 4.00 2.77
CA ASP B 86 22.27 4.83 1.92
C ASP B 86 23.36 3.99 1.31
N ILE B 87 23.80 4.43 0.13
CA ILE B 87 24.82 3.74 -0.67
C ILE B 87 25.92 4.67 -1.22
N VAL B 88 25.91 5.94 -0.86
CA VAL B 88 26.91 6.89 -1.34
C VAL B 88 28.33 6.38 -1.06
N ALA B 89 28.60 5.96 0.17
CA ALA B 89 29.94 5.53 0.50
C ALA B 89 30.37 4.30 -0.30
N GLN B 90 29.45 3.36 -0.49
CA GLN B 90 29.77 2.11 -1.16
C GLN B 90 29.91 2.32 -2.66
N VAL B 91 29.11 3.22 -3.23
CA VAL B 91 29.24 3.61 -4.63
C VAL B 91 30.60 4.27 -4.86
N LYS B 92 31.00 5.14 -3.94
CA LYS B 92 32.28 5.79 -4.05
C LYS B 92 33.43 4.77 -3.99
N LYS B 93 33.34 3.78 -3.11
CA LYS B 93 34.38 2.75 -3.06
C LYS B 93 34.42 1.95 -4.37
N ALA B 94 33.25 1.63 -4.91
CA ALA B 94 33.20 0.84 -6.14
C ALA B 94 33.82 1.63 -7.28
N TYR B 95 33.48 2.91 -7.36
CA TYR B 95 34.02 3.76 -8.42
C TYR B 95 35.51 3.93 -8.27
N ALA B 96 35.99 3.99 -7.03
CA ALA B 96 37.43 4.15 -6.78
C ALA B 96 38.22 2.95 -7.26
N ARG B 97 37.57 1.78 -7.22
CA ARG B 97 38.06 0.47 -7.66
C ARG B 97 37.96 0.32 -9.20
N GLY B 98 37.41 1.33 -9.88
CA GLY B 98 37.19 1.25 -11.32
C GLY B 98 35.92 0.53 -11.76
N GLY B 99 35.02 0.27 -10.81
CA GLY B 99 33.75 -0.38 -11.10
C GLY B 99 32.78 0.56 -11.81
N ILE B 100 31.76 -0.08 -12.36
CA ILE B 100 30.65 0.56 -13.07
C ILE B 100 29.40 0.42 -12.21
N ILE B 101 28.62 1.50 -12.14
CA ILE B 101 27.49 1.62 -11.23
C ILE B 101 26.20 1.67 -12.02
N THR B 102 25.22 0.86 -11.63
CA THR B 102 23.88 0.98 -12.20
C THR B 102 22.85 0.99 -11.07
N VAL B 103 21.79 1.79 -11.25
CA VAL B 103 20.74 1.96 -10.26
C VAL B 103 19.41 1.73 -10.92
N SER B 104 18.61 0.82 -10.37
CA SER B 104 17.26 0.57 -10.84
C SER B 104 16.26 1.34 -9.99
N SER B 105 14.99 1.27 -10.35
CA SER B 105 13.99 2.19 -9.79
C SER B 105 12.75 1.49 -9.24
N HIS B 106 12.88 0.87 -8.07
CA HIS B 106 11.68 0.32 -7.41
C HIS B 106 10.95 1.42 -6.64
N PHE B 107 10.44 2.39 -7.38
CA PHE B 107 9.75 3.51 -6.80
C PHE B 107 8.46 3.08 -6.11
N ASP B 108 8.13 3.74 -5.01
CA ASP B 108 6.81 3.60 -4.43
C ASP B 108 5.74 4.07 -5.41
N ASN B 109 4.50 3.69 -5.13
CA ASN B 109 3.36 3.98 -5.97
C ASN B 109 2.90 5.41 -5.69
N PRO B 110 3.05 6.35 -6.64
CA PRO B 110 2.71 7.77 -6.36
C PRO B 110 1.27 8.04 -6.01
N LYS B 111 0.38 7.15 -6.44
CA LYS B 111 -1.05 7.28 -6.18
C LYS B 111 -1.44 6.77 -4.78
N THR B 112 -0.66 5.84 -4.22
CA THR B 112 -1.06 5.18 -2.96
C THR B 112 -0.02 5.20 -1.86
N ASP B 113 1.11 5.89 -2.04
CA ASP B 113 2.21 5.77 -1.10
C ASP B 113 1.95 6.31 0.33
N THR B 114 0.95 7.15 0.52
CA THR B 114 0.59 7.58 1.87
C THR B 114 -0.25 6.53 2.59
N GLN B 115 -0.66 5.48 1.87
CA GLN B 115 -1.52 4.41 2.43
C GLN B 115 -0.73 3.25 2.99
N LYS B 116 0.60 3.35 2.97
CA LYS B 116 1.41 2.23 3.45
C LYS B 116 0.96 1.74 4.83
N GLY B 117 1.07 0.43 5.01
CA GLY B 117 0.77 -0.21 6.28
C GLY B 117 0.79 -1.71 6.13
N VAL B 118 -0.04 -2.18 5.22
CA VAL B 118 -0.09 -3.60 4.88
C VAL B 118 0.59 -3.81 3.53
N TRP B 119 1.75 -4.42 3.54
CA TRP B 119 2.48 -4.69 2.30
C TRP B 119 1.57 -5.46 1.34
N PRO B 120 1.55 -5.17 0.03
CA PRO B 120 2.42 -4.22 -0.68
C PRO B 120 1.88 -2.81 -0.87
N VAL B 121 0.86 -2.41 -0.12
CA VAL B 121 0.20 -1.14 -0.40
C VAL B 121 1.23 0.00 -0.42
N GLY B 122 1.18 0.81 -1.48
CA GLY B 122 2.02 1.99 -1.62
C GLY B 122 3.40 1.77 -2.18
N THR B 123 3.77 0.53 -2.47
CA THR B 123 5.13 0.20 -2.94
C THR B 123 5.10 -0.06 -4.44
N SER B 124 6.25 -0.41 -5.03
CA SER B 124 6.31 -0.79 -6.44
C SER B 124 5.31 -1.91 -6.77
N TRP B 125 5.08 -2.81 -5.79
CA TRP B 125 4.27 -4.02 -5.96
C TRP B 125 2.78 -3.77 -5.73
N ASP B 126 2.40 -2.55 -5.37
CA ASP B 126 0.99 -2.13 -5.37
C ASP B 126 0.62 -1.88 -6.82
N GLN B 127 -0.18 -2.78 -7.35
CA GLN B 127 -0.55 -2.80 -8.76
C GLN B 127 -1.57 -1.76 -9.18
N THR B 128 -2.06 -0.97 -8.24
CA THR B 128 -2.94 0.13 -8.53
C THR B 128 -2.35 0.98 -9.68
N PRO B 129 -3.03 1.11 -10.80
CA PRO B 129 -2.47 1.91 -11.91
C PRO B 129 -2.17 3.34 -11.48
N ALA B 130 -0.94 3.79 -11.71
CA ALA B 130 -0.52 5.11 -11.27
C ALA B 130 0.22 5.90 -12.35
N VAL B 131 0.16 5.44 -13.59
CA VAL B 131 0.82 6.16 -14.68
C VAL B 131 0.03 7.39 -15.12
N VAL B 132 -1.22 7.17 -15.47
CA VAL B 132 -2.08 8.26 -15.90
C VAL B 132 -2.15 9.39 -14.87
N ASP B 133 -2.28 9.03 -13.60
CA ASP B 133 -2.46 10.04 -12.57
C ASP B 133 -1.16 10.68 -12.10
N SER B 134 -0.03 10.23 -12.64
CA SER B 134 1.28 10.76 -12.23
C SER B 134 1.96 11.64 -13.26
N LEU B 135 1.44 11.65 -14.50
CA LEU B 135 1.93 12.55 -15.53
C LEU B 135 1.43 13.97 -15.22
N PRO B 136 2.05 14.99 -15.79
CA PRO B 136 1.55 16.36 -15.57
C PRO B 136 0.07 16.50 -15.89
N GLY B 137 -0.65 17.11 -14.96
CA GLY B 137 -2.11 17.21 -14.99
C GLY B 137 -2.76 16.24 -14.04
N GLY B 138 -2.07 15.14 -13.75
CA GLY B 138 -2.55 14.13 -12.83
C GLY B 138 -2.36 14.52 -11.39
N ALA B 139 -3.28 14.07 -10.54
CA ALA B 139 -3.28 14.49 -9.14
C ALA B 139 -2.03 14.08 -8.37
N TYR B 140 -1.29 13.07 -8.86
CA TYR B 140 -0.15 12.55 -8.13
C TYR B 140 1.17 12.90 -8.78
N ASN B 141 1.13 13.76 -9.79
CA ASN B 141 2.38 14.23 -10.39
C ASN B 141 3.35 14.86 -9.37
N PRO B 142 2.89 15.64 -8.37
CA PRO B 142 3.84 16.15 -7.35
C PRO B 142 4.54 15.05 -6.56
N VAL B 143 3.88 13.93 -6.36
CA VAL B 143 4.49 12.82 -5.62
C VAL B 143 5.62 12.21 -6.43
N LEU B 144 5.34 11.87 -7.68
CA LEU B 144 6.41 11.41 -8.59
C LEU B 144 7.56 12.39 -8.68
N ASN B 145 7.23 13.66 -8.79
CA ASN B 145 8.28 14.66 -8.85
C ASN B 145 9.13 14.69 -7.59
N GLY B 146 8.54 14.45 -6.43
CA GLY B 146 9.34 14.34 -5.23
C GLY B 146 10.36 13.22 -5.27
N TYR B 147 9.97 12.07 -5.82
CA TYR B 147 10.92 10.96 -5.97
C TYR B 147 12.09 11.41 -6.88
N LEU B 148 11.73 11.99 -8.03
CA LEU B 148 12.70 12.41 -9.02
C LEU B 148 13.61 13.51 -8.47
N ASP B 149 13.05 14.41 -7.67
CA ASP B 149 13.86 15.45 -7.04
C ASP B 149 14.94 14.80 -6.20
N GLN B 150 14.59 13.75 -5.45
CA GLN B 150 15.58 13.09 -4.62
C GLN B 150 16.63 12.32 -5.40
N VAL B 151 16.21 11.67 -6.47
CA VAL B 151 17.18 11.02 -7.37
C VAL B 151 18.16 12.07 -7.90
N ALA B 152 17.63 13.19 -8.39
CA ALA B 152 18.49 14.24 -8.95
C ALA B 152 19.43 14.83 -7.93
N GLU B 153 18.94 15.11 -6.71
CA GLU B 153 19.83 15.65 -5.69
C GLU B 153 20.95 14.66 -5.36
N TRP B 154 20.63 13.39 -5.29
CA TRP B 154 21.63 12.32 -5.07
C TRP B 154 22.66 12.29 -6.20
N ALA B 155 22.18 12.28 -7.45
CA ALA B 155 23.08 12.22 -8.60
C ALA B 155 23.99 13.45 -8.61
N ASN B 156 23.40 14.62 -8.40
CA ASN B 156 24.14 15.88 -8.53
C ASN B 156 25.17 16.07 -7.44
N ASN B 157 25.09 15.27 -6.36
CA ASN B 157 26.11 15.33 -5.29
C ASN B 157 27.00 14.09 -5.18
N LEU B 158 26.88 13.16 -6.13
CA LEU B 158 27.59 11.90 -6.12
C LEU B 158 28.94 12.14 -6.77
N LYS B 159 29.91 12.50 -5.93
CA LYS B 159 31.21 12.95 -6.41
C LYS B 159 32.34 12.10 -5.85
N ASP B 160 33.39 11.95 -6.66
CA ASP B 160 34.57 11.24 -6.24
C ASP B 160 35.45 12.18 -5.40
N GLU B 161 36.58 11.66 -4.95
CA GLU B 161 37.49 12.43 -4.08
C GLU B 161 38.06 13.70 -4.71
N GLN B 162 38.02 13.77 -6.05
CA GLN B 162 38.42 14.97 -6.78
C GLN B 162 37.27 15.93 -7.10
N GLY B 163 36.07 15.65 -6.60
CA GLY B 163 34.94 16.52 -6.81
C GLY B 163 34.22 16.35 -8.15
N ARG B 164 34.57 15.31 -8.91
CA ARG B 164 33.97 15.04 -10.22
C ARG B 164 32.81 14.03 -10.05
N LEU B 165 31.77 14.23 -10.83
CA LEU B 165 30.59 13.35 -10.72
C LEU B 165 30.90 11.93 -11.14
N ILE B 166 30.27 11.00 -10.41
CA ILE B 166 30.36 9.58 -10.70
C ILE B 166 29.25 9.18 -11.65
N PRO B 167 29.60 8.63 -12.82
CA PRO B 167 28.56 8.15 -13.75
C PRO B 167 27.75 7.00 -13.21
N VAL B 168 26.48 6.97 -13.56
CA VAL B 168 25.58 5.90 -13.15
C VAL B 168 24.68 5.56 -14.36
N ILE B 169 24.50 4.27 -14.57
CA ILE B 169 23.52 3.76 -15.53
C ILE B 169 22.18 3.64 -14.79
N PHE B 170 21.33 4.62 -15.03
CA PHE B 170 20.02 4.71 -14.36
C PHE B 170 18.93 4.04 -15.17
N ARG B 171 18.36 3.01 -14.57
CA ARG B 171 17.40 2.14 -15.23
C ARG B 171 15.99 2.43 -14.72
N LEU B 172 15.11 2.86 -15.61
CA LEU B 172 13.76 3.29 -15.23
C LEU B 172 12.64 2.33 -15.60
N TYR B 173 11.73 2.14 -14.65
CA TYR B 173 10.44 1.51 -14.87
C TYR B 173 10.57 0.17 -15.60
N HIS B 174 11.33 -0.73 -14.98
CA HIS B 174 11.71 -2.03 -15.55
C HIS B 174 10.56 -3.04 -15.53
N GLU B 175 10.71 -4.09 -16.33
CA GLU B 175 9.79 -5.23 -16.31
C GLU B 175 8.37 -4.74 -16.61
N ASN B 176 8.29 -3.73 -17.47
CA ASN B 176 7.07 -3.01 -17.76
C ASN B 176 6.11 -3.74 -18.71
N THR B 177 6.59 -4.82 -19.31
CA THR B 177 5.73 -5.66 -20.13
C THR B 177 4.96 -6.68 -19.31
N GLY B 178 5.17 -6.72 -18.00
CA GLY B 178 4.31 -7.44 -17.08
C GLY B 178 3.55 -6.45 -16.21
N SER B 179 2.76 -6.98 -15.28
CA SER B 179 1.81 -6.15 -14.56
C SER B 179 1.99 -6.20 -13.02
N TRP B 180 3.15 -6.65 -12.55
CA TRP B 180 3.41 -6.69 -11.11
C TRP B 180 3.83 -5.32 -10.52
N PHE B 181 4.20 -4.39 -11.39
CA PHE B 181 4.53 -3.05 -10.92
C PHE B 181 3.47 -2.04 -11.41
N TRP B 182 3.37 -0.90 -10.74
CA TRP B 182 2.32 0.08 -11.02
C TRP B 182 2.44 0.82 -12.36
N TRP B 183 3.59 0.64 -13.02
CA TRP B 183 3.85 1.18 -14.36
C TRP B 183 3.75 0.13 -15.45
N GLY B 184 3.18 -1.03 -15.11
CA GLY B 184 3.15 -2.16 -16.01
C GLY B 184 2.09 -2.11 -17.08
N ASP B 185 1.96 -3.24 -17.77
CA ASP B 185 1.18 -3.29 -19.02
C ASP B 185 -0.35 -3.26 -18.81
N LYS B 186 -0.83 -3.69 -17.63
CA LYS B 186 -2.25 -3.52 -17.30
C LYS B 186 -2.54 -2.13 -16.72
N GLN B 187 -1.49 -1.38 -16.43
CA GLN B 187 -1.58 -0.12 -15.72
C GLN B 187 -1.42 1.08 -16.65
N SER B 188 -1.14 0.82 -17.92
CA SER B 188 -0.84 1.88 -18.87
C SER B 188 -0.99 1.39 -20.30
N THR B 189 -1.44 2.27 -21.18
CA THR B 189 -1.25 2.03 -22.62
C THR B 189 0.20 2.18 -22.95
N PRO B 190 0.64 1.60 -24.07
CA PRO B 190 2.04 1.84 -24.48
C PRO B 190 2.40 3.30 -24.53
N GLU B 191 1.54 4.15 -25.06
CA GLU B 191 1.84 5.57 -25.15
C GLU B 191 2.00 6.21 -23.78
N GLN B 192 1.15 5.80 -22.83
CA GLN B 192 1.24 6.32 -21.48
C GLN B 192 2.56 5.94 -20.82
N TYR B 193 2.98 4.69 -21.04
CA TYR B 193 4.26 4.25 -20.52
C TYR B 193 5.43 5.07 -21.10
N LYS B 194 5.40 5.26 -22.41
CA LYS B 194 6.44 6.00 -23.08
C LYS B 194 6.46 7.42 -22.52
N GLN B 195 5.31 8.03 -22.31
CA GLN B 195 5.27 9.36 -21.74
C GLN B 195 5.84 9.40 -20.34
N LEU B 196 5.52 8.41 -19.51
CA LEU B 196 6.08 8.37 -18.15
C LEU B 196 7.61 8.33 -18.21
N PHE B 197 8.16 7.47 -19.06
CA PHE B 197 9.60 7.34 -19.17
C PHE B 197 10.22 8.66 -19.65
N ARG B 198 9.67 9.22 -20.72
CA ARG B 198 10.21 10.44 -21.32
C ARG B 198 10.05 11.61 -20.37
N TYR B 199 8.88 11.76 -19.76
CA TYR B 199 8.66 12.80 -18.78
C TYR B 199 9.75 12.74 -17.69
N SER B 200 10.02 11.53 -17.22
CA SER B 200 10.94 11.34 -16.09
C SER B 200 12.39 11.64 -16.45
N VAL B 201 12.80 11.20 -17.64
CA VAL B 201 14.13 11.54 -18.13
C VAL B 201 14.27 13.05 -18.32
N GLU B 202 13.31 13.66 -18.99
CA GLU B 202 13.30 15.11 -19.19
C GLU B 202 13.37 15.85 -17.85
N TYR B 203 12.65 15.35 -16.86
CA TYR B 203 12.63 16.00 -15.58
C TYR B 203 14.02 15.98 -14.97
N LEU B 204 14.63 14.79 -14.91
CA LEU B 204 15.97 14.65 -14.33
C LEU B 204 17.03 15.47 -15.09
N ARG B 205 17.04 15.34 -16.41
CA ARG B 205 18.05 15.98 -17.24
C ARG B 205 17.84 17.49 -17.36
N ASP B 206 16.62 17.92 -17.70
CA ASP B 206 16.39 19.33 -18.02
C ASP B 206 15.90 20.17 -16.86
N VAL B 207 14.96 19.65 -16.08
CA VAL B 207 14.46 20.40 -14.92
C VAL B 207 15.47 20.42 -13.81
N LYS B 208 16.10 19.29 -13.52
CA LYS B 208 16.99 19.17 -12.39
C LYS B 208 18.46 19.13 -12.72
N GLY B 209 18.84 19.10 -14.00
CA GLY B 209 20.23 19.25 -14.35
C GLY B 209 21.16 18.07 -14.13
N VAL B 210 20.64 16.85 -14.10
CA VAL B 210 21.49 15.67 -13.96
C VAL B 210 22.36 15.52 -15.21
N ARG B 211 23.66 15.40 -14.98
CA ARG B 211 24.65 15.30 -16.06
C ARG B 211 25.48 14.03 -16.03
N ASN B 212 25.26 13.17 -15.03
CA ASN B 212 26.04 11.97 -14.82
C ASN B 212 25.26 10.67 -14.97
N PHE B 213 24.18 10.70 -15.74
CA PHE B 213 23.39 9.49 -16.04
C PHE B 213 23.47 9.05 -17.50
N LEU B 214 23.56 7.74 -17.68
CA LEU B 214 23.13 7.05 -18.90
C LEU B 214 21.78 6.42 -18.54
N TYR B 215 20.86 6.34 -19.50
CA TYR B 215 19.48 5.87 -19.24
C TYR B 215 19.28 4.51 -19.84
N ALA B 216 18.74 3.58 -19.03
CA ALA B 216 18.48 2.23 -19.43
C ALA B 216 17.01 1.90 -19.43
N TYR B 217 16.62 1.12 -20.44
CA TYR B 217 15.29 0.57 -20.58
C TYR B 217 15.39 -0.96 -20.54
N SER B 218 14.48 -1.62 -19.80
CA SER B 218 14.54 -3.08 -19.67
C SER B 218 13.17 -3.71 -19.41
N PRO B 219 12.50 -4.13 -20.49
CA PRO B 219 11.26 -4.90 -20.35
C PRO B 219 11.61 -6.33 -19.95
N ASN B 220 10.60 -7.19 -19.79
CA ASN B 220 10.86 -8.60 -19.62
C ASN B 220 11.28 -9.24 -20.94
N ASN B 221 11.87 -10.43 -20.86
CA ASN B 221 12.03 -11.27 -22.04
C ASN B 221 10.71 -11.47 -22.75
N PHE B 222 10.79 -11.47 -24.08
CA PHE B 222 9.68 -11.84 -24.93
C PHE B 222 9.79 -13.31 -25.29
N TRP B 223 8.65 -13.98 -25.38
CA TRP B 223 8.62 -15.33 -25.96
C TRP B 223 8.40 -15.34 -27.48
N ASP B 224 7.75 -14.30 -27.99
CA ASP B 224 7.69 -14.03 -29.41
C ASP B 224 8.76 -12.96 -29.64
N VAL B 225 9.96 -13.40 -29.99
CA VAL B 225 11.15 -12.52 -29.96
C VAL B 225 11.26 -11.73 -31.23
N THR B 226 10.61 -10.57 -31.28
CA THR B 226 10.66 -9.69 -32.43
C THR B 226 10.96 -8.25 -32.06
N GLU B 227 11.59 -7.55 -32.97
CA GLU B 227 11.78 -6.11 -32.82
C GLU B 227 10.47 -5.38 -32.58
N ALA B 228 9.42 -5.70 -33.34
CA ALA B 228 8.16 -5.00 -33.16
C ALA B 228 7.64 -5.14 -31.74
N ASN B 229 7.82 -6.31 -31.15
CA ASN B 229 7.32 -6.52 -29.78
C ASN B 229 8.15 -5.67 -28.80
N TYR B 230 9.48 -5.66 -28.94
CA TYR B 230 10.33 -4.79 -28.10
C TYR B 230 9.97 -3.32 -28.25
N LEU B 231 9.59 -2.92 -29.46
CA LEU B 231 9.32 -1.54 -29.76
C LEU B 231 7.99 -1.00 -29.19
N GLU B 232 7.07 -1.90 -28.86
CA GLU B 232 5.73 -1.46 -28.51
C GLU B 232 5.75 -0.46 -27.36
N ARG B 233 6.51 -0.76 -26.31
CA ARG B 233 6.64 0.17 -25.19
C ARG B 233 8.02 0.84 -25.07
N TYR B 234 8.85 0.70 -26.08
CA TYR B 234 10.17 1.34 -26.11
C TYR B 234 10.05 2.86 -26.09
N PRO B 235 10.69 3.53 -25.14
CA PRO B 235 10.62 4.99 -25.08
C PRO B 235 11.19 5.73 -26.29
N GLY B 236 12.10 5.12 -27.05
CA GLY B 236 12.64 5.71 -28.26
C GLY B 236 14.11 6.03 -28.16
N ASP B 237 14.77 6.12 -29.32
CA ASP B 237 16.20 6.36 -29.36
C ASP B 237 16.65 7.67 -28.72
N GLU B 238 15.77 8.68 -28.68
CA GLU B 238 16.09 9.95 -28.05
C GLU B 238 16.15 9.88 -26.53
N TRP B 239 15.67 8.77 -25.96
CA TRP B 239 15.41 8.67 -24.52
C TRP B 239 16.15 7.53 -23.83
N VAL B 240 16.83 6.70 -24.61
CA VAL B 240 17.47 5.49 -24.09
C VAL B 240 18.93 5.40 -24.59
N ASP B 241 19.86 5.15 -23.66
CA ASP B 241 21.26 4.83 -23.98
C ASP B 241 21.56 3.33 -23.99
N VAL B 242 20.85 2.59 -23.13
CA VAL B 242 21.18 1.20 -22.81
C VAL B 242 19.90 0.39 -23.03
N LEU B 243 19.97 -0.55 -23.97
CA LEU B 243 18.87 -1.47 -24.27
C LEU B 243 19.07 -2.77 -23.51
N GLY B 244 18.23 -3.00 -22.52
CA GLY B 244 18.29 -4.22 -21.74
C GLY B 244 17.00 -5.00 -21.73
N PHE B 245 17.02 -6.04 -20.92
CA PHE B 245 15.82 -6.80 -20.57
C PHE B 245 16.14 -7.61 -19.31
N ASP B 246 15.07 -8.04 -18.63
CA ASP B 246 15.18 -8.88 -17.46
C ASP B 246 14.53 -10.22 -17.76
N THR B 247 15.06 -11.28 -17.18
CA THR B 247 14.49 -12.60 -17.38
C THR B 247 14.80 -13.53 -16.23
N TYR B 248 13.76 -14.21 -15.75
CA TYR B 248 13.86 -15.12 -14.64
C TYR B 248 13.23 -16.44 -15.05
N GLY B 249 13.93 -17.54 -14.80
CA GLY B 249 13.54 -18.81 -15.37
C GLY B 249 13.48 -19.94 -14.37
N PRO B 250 13.17 -21.12 -14.88
CA PRO B 250 13.07 -22.29 -14.00
C PRO B 250 14.41 -22.85 -13.59
N VAL B 251 14.47 -23.41 -12.39
CA VAL B 251 15.67 -24.06 -11.88
C VAL B 251 15.94 -25.40 -12.60
N ALA B 252 14.90 -26.03 -13.10
CA ALA B 252 15.01 -27.35 -13.77
C ALA B 252 14.44 -27.30 -15.17
N ASP B 253 14.89 -28.24 -16.00
CA ASP B 253 14.41 -28.40 -17.37
C ASP B 253 14.37 -27.06 -18.07
N ASN B 254 15.52 -26.40 -18.09
CA ASN B 254 15.56 -25.00 -18.47
C ASN B 254 16.26 -24.69 -19.79
N ALA B 255 16.44 -25.68 -20.65
CA ALA B 255 17.10 -25.44 -21.94
C ALA B 255 16.30 -24.50 -22.83
N ASP B 256 14.97 -24.62 -22.85
CA ASP B 256 14.14 -23.75 -23.65
C ASP B 256 14.31 -22.30 -23.16
N TRP B 257 14.34 -22.12 -21.84
CA TRP B 257 14.46 -20.79 -21.26
C TRP B 257 15.81 -20.19 -21.60
N PHE B 258 16.88 -20.98 -21.52
CA PHE B 258 18.21 -20.51 -21.91
C PHE B 258 18.29 -20.10 -23.38
N ARG B 259 17.64 -20.86 -24.26
CA ARG B 259 17.57 -20.46 -25.66
C ARG B 259 16.85 -19.13 -25.80
N ASN B 260 15.82 -18.91 -24.98
CA ASN B 260 15.06 -17.66 -24.96
C ASN B 260 15.93 -16.50 -24.43
N VAL B 261 16.80 -16.77 -23.47
CA VAL B 261 17.73 -15.76 -22.97
C VAL B 261 18.61 -15.33 -24.14
N VAL B 262 19.18 -16.31 -24.82
CA VAL B 262 20.09 -16.04 -25.94
C VAL B 262 19.35 -15.29 -27.06
N ALA B 263 18.11 -15.67 -27.35
CA ALA B 263 17.36 -15.02 -28.40
C ALA B 263 17.03 -13.55 -28.08
N ASN B 264 16.64 -13.27 -26.84
CA ASN B 264 16.39 -11.89 -26.41
C ASN B 264 17.65 -11.03 -26.42
N ALA B 265 18.75 -11.60 -25.97
CA ALA B 265 20.05 -10.92 -25.96
C ALA B 265 20.51 -10.64 -27.39
N ALA B 266 20.28 -11.58 -28.27
CA ALA B 266 20.62 -11.40 -29.68
C ALA B 266 19.81 -10.25 -30.30
N LEU B 267 18.52 -10.18 -29.95
CA LEU B 267 17.66 -9.13 -30.46
C LEU B 267 18.13 -7.77 -29.97
N VAL B 268 18.36 -7.61 -28.67
CA VAL B 268 18.78 -6.30 -28.20
C VAL B 268 20.16 -5.94 -28.75
N ALA B 269 21.01 -6.93 -28.96
CA ALA B 269 22.36 -6.68 -29.51
C ALA B 269 22.25 -6.14 -30.92
N ARG B 270 21.38 -6.76 -31.73
CA ARG B 270 21.20 -6.28 -33.11
C ARG B 270 20.56 -4.89 -33.14
N MET B 271 19.56 -4.67 -32.31
CA MET B 271 18.90 -3.36 -32.23
C MET B 271 19.90 -2.29 -31.76
N ALA B 272 20.74 -2.65 -30.80
CA ALA B 272 21.70 -1.74 -30.23
C ALA B 272 22.71 -1.30 -31.27
N GLU B 273 23.17 -2.22 -32.09
CA GLU B 273 24.11 -1.84 -33.14
C GLU B 273 23.47 -0.88 -34.12
N ALA B 274 22.22 -1.15 -34.48
CA ALA B 274 21.52 -0.30 -35.45
C ALA B 274 21.23 1.09 -34.90
N ARG B 275 21.08 1.20 -33.58
CA ARG B 275 20.58 2.42 -32.97
C ARG B 275 21.62 3.17 -32.13
N GLY B 276 22.86 2.66 -32.09
CA GLY B 276 23.92 3.33 -31.36
C GLY B 276 23.78 3.21 -29.85
N LYS B 277 23.28 2.07 -29.38
CA LYS B 277 23.04 1.85 -27.97
C LYS B 277 23.95 0.75 -27.42
N ILE B 278 23.94 0.60 -26.10
CA ILE B 278 24.62 -0.51 -25.44
C ILE B 278 23.58 -1.56 -25.06
N PRO B 279 23.74 -2.78 -25.56
CA PRO B 279 22.82 -3.88 -25.18
C PRO B 279 23.34 -4.58 -23.93
N VAL B 280 22.42 -4.93 -23.06
CA VAL B 280 22.76 -5.62 -21.80
C VAL B 280 21.67 -6.57 -21.39
N ILE B 281 21.99 -7.48 -20.47
CA ILE B 281 20.96 -8.18 -19.71
C ILE B 281 20.99 -7.54 -18.33
N SER B 282 19.94 -6.79 -18.02
CA SER B 282 19.94 -5.98 -16.81
C SER B 282 19.54 -6.70 -15.56
N GLY B 283 18.89 -7.86 -15.69
CA GLY B 283 18.57 -8.67 -14.52
C GLY B 283 18.23 -10.07 -15.00
N ILE B 284 18.91 -11.06 -14.47
CA ILE B 284 18.70 -12.44 -14.90
C ILE B 284 18.95 -13.36 -13.72
N GLY B 285 18.18 -14.43 -13.63
CA GLY B 285 18.39 -15.40 -12.58
C GLY B 285 17.41 -16.56 -12.66
N ILE B 286 17.72 -17.61 -11.92
CA ILE B 286 16.69 -18.58 -11.53
C ILE B 286 15.60 -17.77 -10.82
N ARG B 287 14.34 -18.05 -11.09
CA ARG B 287 13.24 -17.37 -10.43
C ARG B 287 13.31 -17.54 -8.89
N ALA B 288 13.01 -16.47 -8.18
CA ALA B 288 13.10 -16.46 -6.72
C ALA B 288 12.35 -17.61 -6.03
N PRO B 289 11.15 -17.98 -6.47
CA PRO B 289 10.42 -19.08 -5.81
C PRO B 289 11.19 -20.40 -5.80
N ASP B 290 11.95 -20.67 -6.85
CA ASP B 290 12.74 -21.89 -6.89
C ASP B 290 13.92 -21.84 -5.92
N ILE B 291 14.59 -20.69 -5.85
CA ILE B 291 15.68 -20.53 -4.91
C ILE B 291 15.14 -20.58 -3.47
N GLU B 292 14.01 -19.93 -3.23
CA GLU B 292 13.39 -19.89 -1.90
C GLU B 292 12.95 -21.29 -1.44
N ALA B 293 12.69 -22.19 -2.38
CA ALA B 293 12.39 -23.60 -2.08
C ALA B 293 13.62 -24.46 -1.85
N GLY B 294 14.81 -23.85 -1.85
CA GLY B 294 16.05 -24.56 -1.58
C GLY B 294 16.61 -25.27 -2.80
N LEU B 295 16.01 -25.03 -3.96
CA LEU B 295 16.41 -25.70 -5.21
C LEU B 295 17.63 -25.02 -5.84
N TYR B 296 18.31 -25.74 -6.73
CA TYR B 296 19.53 -25.23 -7.35
C TYR B 296 19.80 -25.86 -8.71
N ASP B 297 20.57 -25.14 -9.53
CA ASP B 297 21.05 -25.65 -10.82
C ASP B 297 22.56 -25.44 -10.85
N ASN B 298 23.32 -26.50 -10.58
CA ASN B 298 24.76 -26.39 -10.51
C ASN B 298 25.48 -26.31 -11.85
N GLN B 299 24.73 -26.13 -12.94
CA GLN B 299 25.31 -25.85 -14.26
C GLN B 299 24.81 -24.50 -14.81
N TRP B 300 24.12 -23.71 -14.00
CA TRP B 300 23.42 -22.52 -14.49
C TRP B 300 24.35 -21.48 -15.08
N TYR B 301 25.39 -21.12 -14.34
CA TYR B 301 26.33 -20.11 -14.85
C TYR B 301 27.09 -20.62 -16.07
N ARG B 302 27.46 -21.89 -16.07
CA ARG B 302 28.17 -22.45 -17.21
C ARG B 302 27.29 -22.43 -18.44
N LYS B 303 26.01 -22.76 -18.30
CA LYS B 303 25.07 -22.73 -19.39
C LYS B 303 24.88 -21.31 -19.91
N LEU B 304 24.85 -20.35 -18.98
CA LEU B 304 24.61 -18.95 -19.35
C LEU B 304 25.75 -18.42 -20.22
N ILE B 305 26.98 -18.53 -19.74
CA ILE B 305 28.09 -17.98 -20.51
C ILE B 305 28.31 -18.76 -21.80
N SER B 306 28.16 -20.08 -21.78
CA SER B 306 28.40 -20.81 -23.01
C SER B 306 27.38 -20.45 -24.10
N GLY B 307 26.11 -20.35 -23.74
CA GLY B 307 25.05 -20.02 -24.68
C GLY B 307 25.22 -18.63 -25.20
N LEU B 308 25.51 -17.68 -24.29
CA LEU B 308 25.66 -16.31 -24.72
C LEU B 308 26.86 -16.12 -25.65
N LYS B 309 28.02 -16.67 -25.27
CA LYS B 309 29.20 -16.34 -26.04
C LYS B 309 29.27 -17.10 -27.35
N ALA B 310 28.56 -18.22 -27.50
CA ALA B 310 28.54 -18.93 -28.80
C ALA B 310 27.73 -18.21 -29.86
N ASP B 311 26.80 -17.36 -29.42
CA ASP B 311 25.88 -16.69 -30.32
C ASP B 311 26.49 -15.38 -30.75
N PRO B 312 26.60 -15.13 -32.04
CA PRO B 312 27.36 -13.95 -32.51
C PRO B 312 26.73 -12.61 -32.18
N ASP B 313 25.41 -12.59 -31.92
CA ASP B 313 24.75 -11.38 -31.45
C ASP B 313 24.70 -11.29 -29.94
N ALA B 314 24.22 -12.33 -29.30
CA ALA B 314 24.07 -12.30 -27.84
C ALA B 314 25.38 -12.05 -27.12
N ARG B 315 26.49 -12.50 -27.70
CA ARG B 315 27.78 -12.31 -27.08
C ARG B 315 28.15 -10.83 -26.94
N GLU B 316 27.49 -9.98 -27.72
CA GLU B 316 27.83 -8.57 -27.77
C GLU B 316 27.19 -7.71 -26.66
N ILE B 317 26.50 -8.34 -25.72
CA ILE B 317 26.01 -7.59 -24.57
C ILE B 317 27.20 -7.12 -23.76
N ALA B 318 27.08 -5.96 -23.10
CA ALA B 318 28.17 -5.43 -22.30
C ALA B 318 28.26 -6.13 -20.97
N PHE B 319 27.11 -6.42 -20.36
CA PHE B 319 27.07 -7.07 -19.05
C PHE B 319 25.80 -7.84 -18.86
N LEU B 320 25.84 -8.76 -17.89
CA LEU B 320 24.62 -9.37 -17.33
C LEU B 320 24.71 -9.16 -15.82
N LEU B 321 23.57 -8.93 -15.17
CA LEU B 321 23.53 -8.67 -13.74
C LEU B 321 22.56 -9.63 -13.06
N VAL B 322 23.02 -10.25 -11.97
CA VAL B 322 22.18 -11.08 -11.12
C VAL B 322 21.87 -10.37 -9.82
N TRP B 323 20.80 -10.81 -9.16
CA TRP B 323 20.22 -10.07 -8.05
C TRP B 323 20.90 -10.35 -6.70
N ARG B 324 20.41 -9.66 -5.69
CA ARG B 324 21.08 -9.54 -4.40
C ARG B 324 21.21 -10.85 -3.63
N ASN B 325 22.21 -10.90 -2.79
CA ASN B 325 22.47 -12.04 -1.90
C ASN B 325 22.00 -11.64 -0.49
N ALA B 326 20.73 -11.85 -0.20
CA ALA B 326 20.11 -11.42 1.06
C ALA B 326 20.75 -12.19 2.21
N PRO B 327 21.31 -11.49 3.19
CA PRO B 327 22.10 -12.13 4.26
C PRO B 327 21.28 -13.08 5.12
N GLN B 328 20.01 -12.78 5.34
CA GLN B 328 19.08 -13.65 6.08
C GLN B 328 17.94 -14.16 5.23
N GLY B 329 18.12 -14.15 3.91
CA GLY B 329 17.06 -14.58 3.02
C GLY B 329 15.86 -13.66 3.10
N VAL B 330 14.67 -14.20 2.81
CA VAL B 330 13.41 -13.46 2.98
C VAL B 330 12.48 -14.27 3.88
N PRO B 331 11.50 -13.62 4.50
CA PRO B 331 10.53 -14.36 5.33
C PRO B 331 9.79 -15.47 4.58
N GLY B 332 9.67 -16.64 5.22
CA GLY B 332 9.01 -17.79 4.64
C GLY B 332 7.76 -18.22 5.41
N GLY B 335 7.17 -18.42 10.19
CA GLY B 335 8.17 -17.59 10.88
C GLY B 335 9.61 -17.94 10.56
N THR B 336 9.82 -18.77 9.54
CA THR B 336 11.17 -19.14 9.11
C THR B 336 11.70 -18.12 8.11
N GLN B 337 12.97 -18.24 7.75
CA GLN B 337 13.53 -17.51 6.61
C GLN B 337 13.78 -18.53 5.51
N VAL B 338 13.73 -18.08 4.27
CA VAL B 338 14.08 -18.93 3.15
C VAL B 338 15.12 -18.22 2.28
N PRO B 339 15.97 -18.99 1.59
CA PRO B 339 17.09 -18.39 0.87
C PRO B 339 16.63 -17.54 -0.31
N HIS B 340 17.41 -16.50 -0.59
CA HIS B 340 17.07 -15.50 -1.60
C HIS B 340 18.39 -14.85 -2.01
N TYR B 341 19.08 -15.48 -2.96
CA TYR B 341 20.43 -15.07 -3.34
C TYR B 341 20.74 -15.70 -4.67
N TRP B 342 21.63 -15.06 -5.45
CA TRP B 342 21.97 -15.52 -6.79
C TRP B 342 23.45 -15.83 -7.03
N VAL B 343 24.38 -15.20 -6.32
CA VAL B 343 25.80 -15.53 -6.45
C VAL B 343 26.10 -16.67 -5.47
N PRO B 344 26.55 -17.83 -5.95
CA PRO B 344 26.93 -18.94 -5.04
C PRO B 344 27.98 -18.51 -4.03
N ALA B 345 27.70 -18.73 -2.74
CA ALA B 345 28.58 -18.24 -1.69
C ALA B 345 29.66 -19.27 -1.37
N ASN B 346 30.81 -18.82 -0.88
CA ASN B 346 31.86 -19.71 -0.42
C ASN B 346 31.51 -20.19 0.98
N ARG B 347 30.73 -21.25 1.02
CA ARG B 347 30.27 -21.87 2.25
C ARG B 347 29.82 -23.30 1.96
N PRO B 348 29.70 -24.13 2.99
CA PRO B 348 29.38 -25.54 2.76
C PRO B 348 28.19 -25.82 1.82
N GLU B 349 27.05 -25.13 1.94
CA GLU B 349 25.90 -25.45 1.09
C GLU B 349 26.25 -25.37 -0.39
N ASN B 350 26.96 -24.32 -0.79
CA ASN B 350 27.26 -24.13 -2.21
C ASN B 350 28.46 -24.95 -2.67
N ILE B 351 29.36 -25.28 -1.74
CA ILE B 351 30.43 -26.24 -2.02
C ILE B 351 29.80 -27.60 -2.31
N ASN B 352 28.91 -28.04 -1.43
CA ASN B 352 28.34 -29.38 -1.50
C ASN B 352 27.40 -29.57 -2.69
N ASN B 353 26.62 -28.54 -3.06
CA ASN B 353 25.65 -28.71 -4.16
C ASN B 353 26.22 -28.42 -5.56
N GLY B 354 27.48 -28.00 -5.61
CA GLY B 354 28.18 -27.82 -6.86
C GLY B 354 28.04 -26.43 -7.49
N THR B 355 27.24 -25.57 -6.89
CA THR B 355 27.04 -24.22 -7.44
C THR B 355 28.25 -23.30 -7.30
N LEU B 356 29.05 -23.44 -6.25
CA LEU B 356 30.26 -22.65 -6.14
C LEU B 356 31.23 -22.99 -7.27
N GLU B 357 31.40 -24.26 -7.55
CA GLU B 357 32.26 -24.70 -8.64
C GLU B 357 31.76 -24.13 -9.98
N ASP B 358 30.44 -24.11 -10.18
CA ASP B 358 29.83 -23.56 -11.40
C ASP B 358 30.22 -22.09 -11.55
N PHE B 359 30.06 -21.32 -10.49
CA PHE B 359 30.35 -19.91 -10.52
C PHE B 359 31.84 -19.64 -10.71
N GLN B 360 32.70 -20.47 -10.12
CA GLN B 360 34.13 -20.31 -10.30
C GLN B 360 34.55 -20.63 -11.73
N ALA B 361 33.83 -21.54 -12.37
CA ALA B 361 34.09 -21.85 -13.79
C ALA B 361 33.68 -20.64 -14.66
N PHE B 362 32.55 -20.05 -14.32
CA PHE B 362 32.06 -18.84 -15.00
C PHE B 362 33.12 -17.73 -14.89
N TYR B 363 33.64 -17.54 -13.69
CA TYR B 363 34.72 -16.57 -13.44
C TYR B 363 35.95 -16.87 -14.31
N ALA B 364 36.36 -18.14 -14.35
CA ALA B 364 37.57 -18.51 -15.07
C ALA B 364 37.41 -18.42 -16.57
N ASP B 365 36.17 -18.41 -17.06
CA ASP B 365 35.90 -18.32 -18.49
C ASP B 365 36.56 -17.07 -19.07
N GLU B 366 37.24 -17.24 -20.21
CA GLU B 366 37.96 -16.15 -20.86
C GLU B 366 37.09 -14.96 -21.16
N PHE B 367 35.80 -15.19 -21.43
CA PHE B 367 34.92 -14.13 -21.93
C PHE B 367 34.22 -13.34 -20.83
N THR B 368 34.29 -13.79 -19.58
CA THR B 368 33.72 -13.00 -18.49
C THR B 368 34.71 -11.99 -17.95
N ALA B 369 34.19 -10.83 -17.57
CA ALA B 369 35.01 -9.76 -17.02
C ALA B 369 34.51 -9.33 -15.65
N PHE B 370 35.40 -9.40 -14.66
CA PHE B 370 35.12 -8.92 -13.33
C PHE B 370 35.88 -7.63 -13.10
N ASN B 371 35.89 -7.07 -11.88
CA ASN B 371 36.32 -5.69 -11.74
C ASN B 371 37.79 -5.45 -12.16
N ARG B 372 38.70 -6.36 -11.84
CA ARG B 372 40.10 -6.16 -12.26
C ARG B 372 40.31 -6.33 -13.76
N ASP B 373 39.33 -6.91 -14.44
CA ASP B 373 39.44 -7.16 -15.87
C ASP B 373 39.03 -5.98 -16.73
N ILE B 374 38.51 -4.93 -16.12
CA ILE B 374 38.13 -3.72 -16.86
C ILE B 374 39.03 -2.57 -16.46
N GLU B 375 39.55 -1.88 -17.46
CA GLU B 375 40.49 -0.78 -17.25
C GLU B 375 40.19 0.34 -18.22
N GLN B 376 40.65 1.54 -17.86
CA GLN B 376 40.52 2.74 -18.68
C GLN B 376 39.05 2.99 -19.03
N VAL B 377 38.20 2.94 -18.01
CA VAL B 377 36.76 3.07 -18.23
C VAL B 377 36.32 4.53 -18.38
N TYR B 378 36.91 5.42 -17.59
CA TYR B 378 36.35 6.75 -17.39
C TYR B 378 37.16 7.92 -17.97
N GLN B 379 38.37 7.67 -18.47
CA GLN B 379 39.20 8.75 -19.01
C GLN B 379 39.42 8.63 -20.51
N ARG B 380 38.51 7.96 -21.21
CA ARG B 380 38.58 7.81 -22.65
C ARG B 380 38.11 9.09 -23.32
N PRO B 381 38.87 9.63 -24.26
CA PRO B 381 38.44 10.86 -24.91
C PRO B 381 37.26 10.61 -25.81
N THR B 382 36.29 11.51 -25.80
CA THR B 382 35.14 11.41 -26.69
C THR B 382 34.87 12.73 -27.38
N LEU B 383 34.14 12.60 -28.46
CA LEU B 383 33.57 13.71 -29.19
C LEU B 383 32.05 13.56 -29.26
N ILE B 384 31.37 14.68 -29.40
CA ILE B 384 29.95 14.71 -29.73
C ILE B 384 29.73 15.67 -30.89
N VAL B 385 28.60 15.51 -31.57
CA VAL B 385 28.23 16.39 -32.66
C VAL B 385 27.48 17.59 -32.09
C1 MAN C . -26.79 1.71 7.60
C2 MAN C . -26.31 0.36 7.09
C3 MAN C . -25.59 0.66 5.75
C4 MAN C . -26.46 1.56 4.84
C5 MAN C . -27.03 2.75 5.61
C6 MAN C . -27.94 3.62 4.75
O1 MAN C . -25.84 2.53 8.24
O2 MAN C . -27.40 -0.49 6.86
O3 MAN C . -25.30 -0.54 5.12
O4 MAN C . -25.73 2.19 3.80
O5 MAN C . -27.72 2.37 6.78
O6 MAN C . -29.05 2.89 4.31
C1 BMA C . -25.06 1.35 2.85
C2 BMA C . -25.09 2.06 1.50
C3 BMA C . -24.37 1.19 0.47
C4 BMA C . -22.94 0.93 0.91
C5 BMA C . -22.93 0.43 2.37
C6 BMA C . -21.53 0.35 2.97
O2 BMA C . -24.50 3.33 1.61
O3 BMA C . -24.34 1.83 -0.80
O4 BMA C . -22.35 -0.10 0.13
O5 BMA C . -23.71 1.26 3.20
O6 BMA C . -20.88 1.59 3.00
C1 MAN D . 14.10 -8.82 -10.37
C2 MAN D . 13.08 -7.77 -9.92
C3 MAN D . 13.27 -7.61 -8.39
C4 MAN D . 13.34 -9.01 -7.74
C5 MAN D . 14.27 -9.99 -8.48
C6 MAN D . 14.28 -11.39 -7.89
O1 MAN D . 15.40 -8.37 -10.58
O2 MAN D . 11.77 -8.23 -10.18
O3 MAN D . 12.20 -6.87 -7.82
O4 MAN D . 13.88 -9.02 -6.44
O5 MAN D . 13.88 -10.09 -9.82
O6 MAN D . 12.99 -11.95 -7.91
C1 BMA D . 13.26 -8.22 -5.45
C2 BMA D . 13.40 -8.91 -4.09
C3 BMA D . 12.73 -8.04 -3.03
C4 BMA D . 13.32 -6.64 -3.02
C5 BMA D . 13.37 -6.09 -4.44
C6 BMA D . 14.15 -4.80 -4.53
O2 BMA D . 14.76 -9.15 -3.79
O3 BMA D . 12.84 -8.64 -1.73
O4 BMA D . 12.52 -5.80 -2.23
O5 BMA D . 13.93 -6.98 -5.40
O6 BMA D . 15.50 -4.93 -4.18
ZN ZN E . -18.14 15.41 34.17
C TRS F . -19.45 13.41 35.95
C1 TRS F . -19.93 11.96 36.11
C2 TRS F . -18.55 13.84 37.13
C3 TRS F . -20.66 14.35 35.85
N TRS F . -18.62 13.55 34.76
O1 TRS F . -20.76 11.83 37.23
O2 TRS F . -17.28 13.19 37.08
O3 TRS F . -20.26 15.61 35.34
NA NA G . -23.80 12.71 25.76
ZN ZN H . 37.43 -4.19 -30.38
C TRS I . 35.68 -3.74 -32.71
C1 TRS I . 34.29 -3.31 -33.18
C2 TRS I . 36.80 -3.00 -33.44
C3 TRS I . 35.83 -5.24 -32.88
N TRS I . 35.80 -3.37 -31.30
O1 TRS I . 34.13 -3.64 -34.53
O2 TRS I . 36.90 -1.64 -33.09
O3 TRS I . 36.88 -5.76 -32.08
NA NA J . 29.91 -8.89 -24.77
#